data_9D3G
#
_entry.id   9D3G
#
_cell.length_a   1.00
_cell.length_b   1.00
_cell.length_c   1.00
_cell.angle_alpha   90.00
_cell.angle_beta   90.00
_cell.angle_gamma   90.00
#
_symmetry.space_group_name_H-M   'P 1'
#
loop_
_entity.id
_entity.type
_entity.pdbx_description
1 polymer 'CCR6, Soluble cytochrome b562'
2 polymer 'anti-BRIL Fab Heavy chain'
3 polymer 'anti-BRIL Fab Nanobody'
4 polymer 'anti-BRIL Fab Light chain'
5 non-polymer CHOLESTEROL
6 non-polymer 4-[[3,4-bis(oxidanylidene)-2-[[(1~{R})-1-(4-propan-2-ylfuran-2-yl)propyl]amino]cyclobuten-1-yl]amino]-~{N},~{N}-dimethyl-3-oxidanyl-pyridine-2-carboxamide
7 non-polymer 1-(4-chlorophenyl)-N-{[(2R)-4-(2,3-dihydro-1H-inden-2-yl)-5-oxomorpholin-2-yl]methyl}cyclopropane-1-carboxamide
#
loop_
_entity_poly.entity_id
_entity_poly.type
_entity_poly.pdbx_seq_one_letter_code
_entity_poly.pdbx_strand_id
1 'polypeptide(L)'
;MKTIIALSYIFCLVFADYKDDDDAKLQTMHHHHHHHHHHENLYFQGGTSVDSEMLLCSLQEVRQFSRAFVPIAYSLICVF
GLLGNILVVITFAFYKKARSMTDVYLANMAIADILFALTLPFWAVSHATGAWVFSNATCKLLKGIYAINFNCGMWLLTCI
AMDRYIAIVQATKSFRLRSATLPRSKIICLVVWGLSVIISSSTFVFNQKYNTQGSDVCEPKYQTVSEPIRWKLLMLGLEL
LFGFFIPLMFMIFCYTAIVKTLRRQLADLEDNWETLNDNLKVIEKADNAAQVKDALTKMRAAALDAQKATPPKLEDKSPD
SPEMKDFRHGFDILVGQIDDALKLANEGKVKEAQAAAEQLKTTRNAYIQKYLERARSTLQKEVKAIRVIIAVVLVFLACQ
IPHNMVLLVTAANLGKMNRSCQSEKLIAYTKTVTEVLAFLHCCLNPVLYAFIGQKFRNYFLKILKDLWCVRRKYKSSGFS
;
A
2 'polypeptide(L)'
;MGWSCIILFLVATATGVHSEISEVQLVESGGGLVQPGGSLRLSCAASGFNVVDFSLHWVRQAPGKGLEWVAYISSSSGST
SYADSVKGRFTISADTSKNTAYLQMNSLRAEDTAVYYCARWGYWPGEPWWKAFDYWGQGTLVTVSSASTKGPSVFPLAPS
SKSTSGGTAALGCLVKDYFPEPVTVSWNSGALTSGVHTFPAVLQSSGLYSLSSVVTVPSSSLGTQTYICNVNHKPSNTKV
DKKVEPKSGGSENLYFQGSHHHHHHHHHH
;
H
3 'polypeptide(L)'
;MGHHHHHHHHHHENLYFQGSQVQLQESGGGLVQPGGSLRLSCAASGRTISRYAMSWFRQAPGKEREFVAVARRSGDGAFY
ADSVQGRFTVSRDDAKNTVYLQMNSLKPEDTAVYYCAIDSDTFYSGSYDYWGQGTQVTVSS
;
K
4 'polypeptide(L)'
;MGWSCIILFLVATATGVHSSDIQMTQSPSSLSASVGDRVTITCRASQSVSSAVAWYQQKPGKAPKLLIYSASSLYSGVPS
RFSGSRSGTDFTLTISSLQPEDFATYYCQQYLYYSLVTFGQGTKVEIKRTVAAPSVFIFPPSDSQLKSGTASVVCLLNNF
YPREAKVQWKVDNALQSGNSQESVTEQDSKDSTYSLSSTLTLSKADYEKHKVYACEVTHQGLSSPVTKSFNRG
;
L
#
loop_
_chem_comp.id
_chem_comp.type
_chem_comp.name
_chem_comp.formula
A1A2A non-polymer 1-(4-chlorophenyl)-N-{[(2R)-4-(2,3-dihydro-1H-inden-2-yl)-5-oxomorpholin-2-yl]methyl}cyclopropane-1-carboxamide 'C24 H25 Cl N2 O3'
CLR non-polymer CHOLESTEROL 'C27 H46 O'
EBX non-polymer 4-[[3,4-bis(oxidanylidene)-2-[[(1~{R})-1-(4-propan-2-ylfuran-2-yl)propyl]amino]cyclobuten-1-yl]amino]-~{N},~{N}-dimethyl-3-oxidanyl-pyridine-2-carboxamide 'C22 H26 N4 O5'
#
# COMPACT_ATOMS: atom_id res chain seq x y z
N LEU A 59 6.66 32.55 -53.25
CA LEU A 59 6.07 33.18 -54.42
C LEU A 59 5.35 34.48 -54.05
N GLN A 60 5.43 35.47 -54.95
CA GLN A 60 4.72 36.73 -54.72
C GLN A 60 3.22 36.57 -54.90
N GLU A 61 2.79 35.68 -55.80
CA GLU A 61 1.36 35.51 -56.05
C GLU A 61 0.67 34.81 -54.88
N VAL A 62 1.33 33.82 -54.28
CA VAL A 62 0.74 33.10 -53.16
C VAL A 62 0.68 33.99 -51.91
N ARG A 63 1.74 34.77 -51.67
CA ARG A 63 1.72 35.69 -50.54
C ARG A 63 0.76 36.86 -50.78
N GLN A 64 0.52 37.23 -52.04
CA GLN A 64 -0.50 38.23 -52.32
C GLN A 64 -1.91 37.67 -52.17
N PHE A 65 -2.09 36.39 -52.49
CA PHE A 65 -3.35 35.71 -52.22
C PHE A 65 -3.64 35.64 -50.72
N SER A 66 -2.60 35.38 -49.93
CA SER A 66 -2.75 35.43 -48.47
C SER A 66 -3.01 36.85 -47.98
N ARG A 67 -2.35 37.84 -48.60
CA ARG A 67 -2.51 39.23 -48.21
C ARG A 67 -3.89 39.77 -48.58
N ALA A 68 -4.55 39.12 -49.55
CA ALA A 68 -5.94 39.45 -49.85
C ALA A 68 -6.92 38.64 -49.01
N PHE A 69 -6.54 37.41 -48.61
CA PHE A 69 -7.41 36.59 -47.76
C PHE A 69 -7.51 37.14 -46.35
N VAL A 70 -6.40 37.67 -45.81
CA VAL A 70 -6.32 38.13 -44.42
C VAL A 70 -7.29 39.25 -44.03
N PRO A 71 -7.42 40.39 -44.74
CA PRO A 71 -8.17 41.51 -44.15
C PRO A 71 -9.68 41.43 -44.05
N ILE A 72 -10.36 40.78 -44.99
CA ILE A 72 -11.81 40.62 -44.88
C ILE A 72 -12.22 39.53 -43.87
N ALA A 73 -11.37 38.52 -43.73
CA ALA A 73 -11.55 37.51 -42.68
C ALA A 73 -11.28 38.21 -41.36
N TYR A 74 -10.32 39.14 -41.35
CA TYR A 74 -10.06 39.94 -40.15
C TYR A 74 -11.22 40.85 -39.81
N SER A 75 -11.83 41.48 -40.82
CA SER A 75 -12.98 42.35 -40.57
C SER A 75 -14.21 41.56 -40.13
N LEU A 76 -14.44 40.40 -40.76
CA LEU A 76 -15.54 39.53 -40.36
C LEU A 76 -15.37 39.00 -38.94
N ILE A 77 -14.15 38.57 -38.60
CA ILE A 77 -13.85 38.07 -37.26
C ILE A 77 -13.95 39.20 -36.24
N CYS A 78 -13.57 40.42 -36.63
CA CYS A 78 -13.65 41.58 -35.75
C CYS A 78 -15.09 41.91 -35.42
N VAL A 79 -15.97 41.98 -36.43
CA VAL A 79 -17.36 42.35 -36.17
C VAL A 79 -18.09 41.21 -35.44
N PHE A 80 -17.79 39.95 -35.78
CA PHE A 80 -18.49 38.84 -35.14
C PHE A 80 -18.04 38.66 -33.69
N GLY A 81 -16.73 38.72 -33.44
CA GLY A 81 -16.21 38.65 -32.09
C GLY A 81 -16.62 39.83 -31.24
N LEU A 82 -16.67 41.03 -31.83
CA LEU A 82 -17.13 42.21 -31.12
C LEU A 82 -18.59 42.07 -30.69
N LEU A 83 -19.46 41.63 -31.62
CA LEU A 83 -20.87 41.49 -31.31
C LEU A 83 -21.14 40.41 -30.28
N GLY A 84 -20.57 39.21 -30.48
CA GLY A 84 -20.76 38.14 -29.52
C GLY A 84 -20.18 38.46 -28.15
N ASN A 85 -19.06 39.19 -28.13
CA ASN A 85 -18.47 39.57 -26.87
C ASN A 85 -19.26 40.64 -26.14
N ILE A 86 -19.86 41.60 -26.87
CA ILE A 86 -20.70 42.58 -26.12
C ILE A 86 -21.89 41.82 -25.51
N LEU A 87 -22.44 40.83 -26.23
CA LEU A 87 -23.58 40.04 -25.72
C LEU A 87 -23.17 39.32 -24.43
N VAL A 88 -21.99 38.67 -24.45
CA VAL A 88 -21.50 37.93 -23.25
C VAL A 88 -21.32 38.95 -22.11
N VAL A 89 -20.74 40.12 -22.40
CA VAL A 89 -20.47 41.13 -21.35
C VAL A 89 -21.80 41.61 -20.74
N ILE A 90 -22.77 41.98 -21.58
CA ILE A 90 -24.04 42.50 -21.06
C ILE A 90 -24.81 41.44 -20.27
N THR A 91 -24.76 40.16 -20.67
CA THR A 91 -25.37 39.14 -19.81
C THR A 91 -24.53 38.84 -18.58
N PHE A 92 -23.25 39.18 -18.56
CA PHE A 92 -22.49 39.08 -17.32
C PHE A 92 -22.80 40.23 -16.37
N ALA A 93 -22.96 41.44 -16.90
CA ALA A 93 -23.18 42.61 -16.05
C ALA A 93 -24.62 42.73 -15.58
N PHE A 94 -25.59 42.28 -16.38
CA PHE A 94 -26.99 42.44 -16.02
C PHE A 94 -27.46 41.45 -14.96
N TYR A 95 -26.66 40.42 -14.64
CA TYR A 95 -27.03 39.41 -13.66
C TYR A 95 -25.87 39.15 -12.72
N LYS A 96 -26.17 39.06 -11.42
CA LYS A 96 -25.17 38.87 -10.38
C LYS A 96 -25.45 37.66 -9.50
N LYS A 97 -26.72 37.30 -9.30
CA LYS A 97 -27.08 36.22 -8.40
C LYS A 97 -26.79 34.83 -8.95
N ALA A 98 -26.43 34.76 -10.23
CA ALA A 98 -26.17 33.44 -10.88
C ALA A 98 -24.70 33.32 -11.30
N ARG A 99 -23.95 34.42 -11.27
CA ARG A 99 -22.54 34.39 -11.73
C ARG A 99 -21.75 33.42 -10.83
N SER A 100 -20.71 32.78 -11.37
CA SER A 100 -19.84 31.89 -10.56
C SER A 100 -18.39 32.40 -10.61
N MET A 101 -17.51 31.87 -9.75
CA MET A 101 -16.09 32.31 -9.74
C MET A 101 -15.43 31.91 -11.06
N THR A 102 -15.60 30.67 -11.49
CA THR A 102 -15.06 30.23 -12.80
C THR A 102 -15.59 31.18 -13.87
N ASP A 103 -16.84 31.61 -13.71
CA ASP A 103 -17.47 32.49 -14.73
C ASP A 103 -16.84 33.89 -14.71
N VAL A 104 -16.33 34.33 -13.54
CA VAL A 104 -15.62 35.65 -13.49
C VAL A 104 -14.43 35.60 -14.46
N TYR A 105 -13.63 34.52 -14.37
CA TYR A 105 -12.51 34.34 -15.31
C TYR A 105 -13.07 34.30 -16.71
N LEU A 106 -14.11 33.48 -16.92
CA LEU A 106 -14.63 33.35 -18.31
C LEU A 106 -14.94 34.73 -18.90
N ALA A 107 -15.45 35.66 -18.10
CA ALA A 107 -15.85 36.99 -18.62
C ALA A 107 -14.61 37.89 -18.84
N ASN A 108 -13.64 37.84 -17.93
CA ASN A 108 -12.35 38.58 -18.11
C ASN A 108 -11.72 38.17 -19.45
N MET A 109 -11.66 36.88 -19.74
CA MET A 109 -11.15 36.44 -21.07
C MET A 109 -12.01 37.10 -22.16
N ALA A 110 -13.29 37.31 -21.88
CA ALA A 110 -14.20 37.97 -22.86
C ALA A 110 -13.77 39.42 -23.11
N ILE A 111 -13.63 40.23 -22.05
CA ILE A 111 -13.28 41.67 -22.23
C ILE A 111 -11.88 41.76 -22.86
N ALA A 112 -10.97 40.86 -22.49
CA ALA A 112 -9.63 40.79 -23.09
C ALA A 112 -9.72 40.64 -24.60
N ASP A 113 -10.62 39.78 -25.07
CA ASP A 113 -10.83 39.66 -26.51
C ASP A 113 -11.60 40.84 -27.08
N ILE A 114 -12.32 41.60 -26.26
CA ILE A 114 -12.86 42.89 -26.71
C ILE A 114 -11.72 43.87 -27.02
N LEU A 115 -10.75 43.96 -26.10
CA LEU A 115 -9.59 44.82 -26.28
C LEU A 115 -8.74 44.36 -27.47
N PHE A 116 -8.67 43.05 -27.68
CA PHE A 116 -8.06 42.52 -28.88
C PHE A 116 -8.87 42.89 -30.12
N ALA A 117 -10.20 42.83 -30.02
CA ALA A 117 -11.08 43.00 -31.17
C ALA A 117 -11.15 44.44 -31.62
N LEU A 118 -10.78 45.38 -30.76
CA LEU A 118 -10.70 46.76 -31.19
C LEU A 118 -9.48 47.04 -32.06
N THR A 119 -8.53 46.11 -32.15
CA THR A 119 -7.29 46.34 -32.89
C THR A 119 -7.28 45.75 -34.30
N LEU A 120 -8.18 44.81 -34.60
CA LEU A 120 -8.22 44.25 -35.96
C LEU A 120 -8.56 45.22 -37.08
N PRO A 121 -9.22 46.38 -36.88
CA PRO A 121 -9.16 47.41 -37.93
C PRO A 121 -7.76 47.87 -38.30
N PHE A 122 -6.86 48.03 -37.32
CA PHE A 122 -5.48 48.40 -37.61
C PHE A 122 -4.75 47.29 -38.33
N TRP A 123 -4.97 46.04 -37.90
CA TRP A 123 -4.38 44.88 -38.56
C TRP A 123 -4.86 44.75 -40.00
N ALA A 124 -6.17 44.97 -40.21
CA ALA A 124 -6.75 44.89 -41.56
C ALA A 124 -6.19 46.00 -42.46
N VAL A 125 -6.02 47.21 -41.91
CA VAL A 125 -5.47 48.32 -42.68
C VAL A 125 -4.02 48.05 -43.05
N SER A 126 -3.23 47.54 -42.10
CA SER A 126 -1.82 47.30 -42.35
C SER A 126 -1.60 46.12 -43.29
N HIS A 127 -2.48 45.12 -43.23
CA HIS A 127 -2.37 43.98 -44.15
C HIS A 127 -2.91 44.34 -45.54
N ALA A 128 -3.84 45.30 -45.61
CA ALA A 128 -4.34 45.74 -46.90
C ALA A 128 -3.31 46.61 -47.62
N THR A 129 -2.64 47.50 -46.88
CA THR A 129 -1.61 48.33 -47.48
C THR A 129 -0.34 47.55 -47.80
N GLY A 130 -0.10 46.43 -47.14
CA GLY A 130 1.08 45.62 -47.41
C GLY A 130 2.31 46.05 -46.65
N ALA A 131 2.18 47.11 -45.86
CA ALA A 131 3.30 47.59 -45.08
C ALA A 131 2.79 48.26 -43.82
N TRP A 132 3.65 48.35 -42.80
CA TRP A 132 3.21 48.93 -41.54
C TRP A 132 3.07 50.42 -41.66
N VAL A 133 1.95 50.86 -42.22
CA VAL A 133 1.71 52.28 -42.38
C VAL A 133 1.86 53.00 -41.07
N PHE A 134 1.66 52.29 -39.98
CA PHE A 134 1.69 52.93 -38.67
C PHE A 134 3.09 53.16 -38.10
N SER A 135 3.15 53.70 -36.90
CA SER A 135 4.44 53.95 -36.26
C SER A 135 4.92 52.72 -35.54
N ASN A 136 6.20 52.67 -35.20
CA ASN A 136 6.70 51.55 -34.43
C ASN A 136 6.05 51.54 -33.06
N ALA A 137 5.64 52.71 -32.59
CA ALA A 137 5.01 52.80 -31.28
C ALA A 137 3.75 52.00 -31.29
N THR A 138 2.92 52.24 -32.30
CA THR A 138 1.67 51.51 -32.42
C THR A 138 1.96 50.06 -32.67
N CYS A 139 3.02 49.79 -33.41
CA CYS A 139 3.41 48.43 -33.68
C CYS A 139 3.47 47.59 -32.41
N LYS A 140 4.16 48.10 -31.41
CA LYS A 140 4.21 47.39 -30.14
C LYS A 140 2.90 47.52 -29.36
N LEU A 141 2.15 48.58 -29.65
CA LEU A 141 0.90 48.80 -28.95
C LEU A 141 0.08 47.60 -29.27
N LEU A 142 -0.07 47.32 -30.55
CA LEU A 142 -0.93 46.22 -30.94
C LEU A 142 -0.34 44.90 -30.51
N LYS A 143 0.93 44.66 -30.80
CA LYS A 143 1.50 43.35 -30.53
C LYS A 143 1.54 43.01 -29.04
N GLY A 144 1.34 44.00 -28.18
CA GLY A 144 1.29 43.72 -26.76
C GLY A 144 -0.13 43.38 -26.40
N ILE A 145 -1.07 44.17 -26.90
CA ILE A 145 -2.48 43.85 -26.69
C ILE A 145 -2.75 42.37 -27.00
N TYR A 146 -2.20 41.88 -28.11
CA TYR A 146 -2.32 40.45 -28.43
C TYR A 146 -1.59 39.58 -27.41
N ALA A 147 -0.45 40.05 -26.89
CA ALA A 147 0.28 39.28 -25.89
C ALA A 147 -0.47 39.20 -24.56
N ILE A 148 -1.03 40.32 -24.08
CA ILE A 148 -1.87 40.25 -22.89
C ILE A 148 -3.15 39.45 -23.12
N ASN A 149 -3.65 39.39 -24.35
CA ASN A 149 -4.76 38.50 -24.64
C ASN A 149 -4.33 37.04 -24.47
N PHE A 150 -3.12 36.70 -24.96
CA PHE A 150 -2.64 35.32 -24.85
C PHE A 150 -2.39 34.91 -23.41
N ASN A 151 -1.63 35.71 -22.66
CA ASN A 151 -1.37 35.30 -21.28
C ASN A 151 -2.57 35.50 -20.37
N CYS A 152 -3.49 36.41 -20.69
CA CYS A 152 -4.76 36.47 -19.97
C CYS A 152 -5.57 35.21 -20.18
N GLY A 153 -5.63 34.72 -21.43
CA GLY A 153 -6.32 33.48 -21.70
C GLY A 153 -5.68 32.29 -21.01
N MET A 154 -4.35 32.19 -21.06
CA MET A 154 -3.63 31.08 -20.45
C MET A 154 -3.76 31.08 -18.92
N TRP A 155 -3.57 32.24 -18.29
CA TRP A 155 -3.65 32.28 -16.83
C TRP A 155 -5.08 32.22 -16.32
N LEU A 156 -6.05 32.76 -17.06
CA LEU A 156 -7.43 32.66 -16.63
C LEU A 156 -7.96 31.24 -16.78
N LEU A 157 -7.56 30.53 -17.84
CA LEU A 157 -7.92 29.13 -17.93
C LEU A 157 -7.17 28.27 -16.92
N THR A 158 -5.95 28.68 -16.54
CA THR A 158 -5.21 27.98 -15.50
C THR A 158 -5.88 28.10 -14.15
N CYS A 159 -6.32 29.30 -13.77
CA CYS A 159 -7.03 29.43 -12.51
C CYS A 159 -8.47 28.92 -12.58
N ILE A 160 -9.05 28.83 -13.78
CA ILE A 160 -10.30 28.09 -13.95
C ILE A 160 -10.09 26.62 -13.63
N ALA A 161 -8.98 26.05 -14.12
CA ALA A 161 -8.64 24.66 -13.83
C ALA A 161 -8.39 24.39 -12.34
N MET A 162 -7.73 25.32 -11.66
CA MET A 162 -7.50 25.19 -10.22
C MET A 162 -8.79 25.32 -9.41
N ASP A 163 -9.68 26.23 -9.83
CA ASP A 163 -10.97 26.41 -9.15
C ASP A 163 -11.80 25.15 -9.33
N ARG A 164 -11.82 24.57 -10.54
CA ARG A 164 -12.58 23.34 -10.75
C ARG A 164 -11.91 22.15 -10.05
N TYR A 165 -10.58 22.15 -9.96
CA TYR A 165 -9.89 21.13 -9.17
C TYR A 165 -10.25 21.21 -7.69
N ILE A 166 -10.33 22.44 -7.16
CA ILE A 166 -10.72 22.64 -5.77
C ILE A 166 -12.17 22.20 -5.55
N ALA A 167 -13.06 22.55 -6.47
CA ALA A 167 -14.48 22.25 -6.30
C ALA A 167 -14.86 20.82 -6.67
N ILE A 168 -13.99 20.07 -7.34
CA ILE A 168 -14.34 18.71 -7.73
C ILE A 168 -13.42 17.69 -7.08
N VAL A 169 -12.11 17.80 -7.30
CA VAL A 169 -11.17 16.80 -6.80
C VAL A 169 -10.97 16.95 -5.31
N GLN A 170 -10.73 18.18 -4.85
CA GLN A 170 -10.49 18.43 -3.43
C GLN A 170 -11.77 18.46 -2.61
N ALA A 171 -12.93 18.53 -3.24
CA ALA A 171 -14.20 18.51 -2.52
C ALA A 171 -15.21 17.62 -3.21
N LEU A 182 -18.13 36.01 -3.50
CA LEU A 182 -16.69 36.22 -3.37
C LEU A 182 -16.35 37.69 -3.54
N PRO A 183 -16.14 38.41 -2.43
CA PRO A 183 -15.83 39.84 -2.53
C PRO A 183 -14.41 40.14 -2.95
N ARG A 184 -13.50 39.17 -2.91
CA ARG A 184 -12.09 39.38 -3.24
C ARG A 184 -11.75 38.91 -4.64
N SER A 185 -12.74 38.84 -5.53
CA SER A 185 -12.48 38.39 -6.90
C SER A 185 -11.75 39.44 -7.72
N LYS A 186 -12.02 40.72 -7.44
CA LYS A 186 -11.40 41.82 -8.21
C LYS A 186 -9.90 41.87 -8.01
N ILE A 187 -9.42 41.51 -6.82
CA ILE A 187 -7.99 41.45 -6.57
C ILE A 187 -7.34 40.35 -7.40
N ILE A 188 -8.03 39.20 -7.54
CA ILE A 188 -7.52 38.11 -8.37
C ILE A 188 -7.51 38.50 -9.85
N CYS A 189 -8.55 39.22 -10.29
CA CYS A 189 -8.59 39.70 -11.67
C CYS A 189 -7.47 40.70 -11.95
N LEU A 190 -7.22 41.61 -11.01
CA LEU A 190 -6.14 42.58 -11.17
C LEU A 190 -4.77 41.90 -11.13
N VAL A 191 -4.66 40.79 -10.39
CA VAL A 191 -3.38 40.02 -10.41
C VAL A 191 -3.17 39.43 -11.82
N VAL A 192 -4.17 38.71 -12.35
CA VAL A 192 -4.01 38.02 -13.67
C VAL A 192 -3.78 39.06 -14.79
N TRP A 193 -4.61 40.10 -14.84
CA TRP A 193 -4.45 41.15 -15.89
C TRP A 193 -3.04 41.74 -15.83
N GLY A 194 -2.52 41.95 -14.62
CA GLY A 194 -1.16 42.49 -14.48
C GLY A 194 -0.12 41.48 -14.93
N LEU A 195 -0.25 40.23 -14.47
CA LEU A 195 0.76 39.19 -14.80
C LEU A 195 0.85 39.07 -16.33
N SER A 196 -0.28 39.21 -17.02
CA SER A 196 -0.29 39.12 -18.51
C SER A 196 0.59 40.23 -19.07
N VAL A 197 0.39 41.46 -18.59
CA VAL A 197 1.20 42.62 -19.07
C VAL A 197 2.68 42.37 -18.71
N ILE A 198 2.96 41.82 -17.53
CA ILE A 198 4.36 41.54 -17.12
C ILE A 198 5.00 40.58 -18.13
N ILE A 199 4.34 39.45 -18.38
CA ILE A 199 4.86 38.48 -19.38
C ILE A 199 4.75 39.15 -20.75
N SER A 200 3.99 40.25 -20.85
CA SER A 200 3.96 40.95 -22.13
C SER A 200 4.88 42.16 -22.19
N SER A 201 5.58 42.49 -21.10
CA SER A 201 6.56 43.57 -21.13
C SER A 201 7.68 43.30 -22.12
N SER A 202 8.07 42.02 -22.28
CA SER A 202 9.07 41.66 -23.29
C SER A 202 8.52 41.88 -24.70
N THR A 203 7.22 41.61 -24.91
CA THR A 203 6.58 41.91 -26.18
C THR A 203 6.52 43.42 -26.42
N PHE A 204 6.30 44.19 -25.36
CA PHE A 204 6.22 45.65 -25.47
C PHE A 204 7.58 46.25 -25.81
N VAL A 205 8.66 45.73 -25.22
CA VAL A 205 9.98 46.29 -25.46
C VAL A 205 10.74 45.62 -26.60
N PHE A 206 10.25 44.52 -27.15
CA PHE A 206 11.01 43.79 -28.19
C PHE A 206 10.45 43.92 -29.60
N ASN A 207 9.41 44.72 -29.76
CA ASN A 207 8.77 44.82 -31.07
C ASN A 207 8.73 46.26 -31.52
N GLN A 208 9.41 46.54 -32.63
CA GLN A 208 9.41 47.89 -33.17
C GLN A 208 9.38 47.88 -34.68
N LYS A 209 8.50 48.67 -35.26
CA LYS A 209 8.40 48.70 -36.70
C LYS A 209 9.77 48.92 -37.30
N TYR A 210 10.21 48.00 -38.14
CA TYR A 210 11.52 48.13 -38.78
C TYR A 210 11.39 48.04 -40.29
N ASN A 211 12.52 47.97 -41.00
CA ASN A 211 12.45 47.85 -42.45
C ASN A 211 13.23 46.62 -42.90
N THR A 212 12.55 45.73 -43.61
CA THR A 212 13.19 44.61 -44.29
C THR A 212 12.51 44.37 -45.62
N GLN A 213 13.32 44.02 -46.63
CA GLN A 213 12.89 43.79 -48.02
C GLN A 213 12.14 44.98 -48.62
N GLY A 214 12.54 46.19 -48.24
CA GLY A 214 11.94 47.40 -48.77
C GLY A 214 10.57 47.74 -48.23
N SER A 215 10.13 47.09 -47.15
CA SER A 215 8.81 47.35 -46.58
C SER A 215 8.89 47.34 -45.06
N ASP A 216 8.03 48.15 -44.44
CA ASP A 216 7.99 48.25 -42.99
C ASP A 216 7.01 47.23 -42.44
N VAL A 217 7.44 46.46 -41.44
CA VAL A 217 6.59 45.44 -40.86
C VAL A 217 6.58 45.49 -39.34
N CYS A 218 5.52 45.00 -38.72
CA CYS A 218 5.46 44.95 -37.25
C CYS A 218 5.89 43.59 -36.78
N GLU A 219 7.16 43.44 -36.39
CA GLU A 219 7.67 42.13 -36.01
C GLU A 219 8.85 42.25 -35.04
N PRO A 220 9.06 41.21 -34.21
CA PRO A 220 10.13 41.32 -33.21
C PRO A 220 11.47 40.86 -33.77
N LYS A 221 12.53 41.42 -33.21
CA LYS A 221 13.89 41.13 -33.66
C LYS A 221 14.84 41.16 -32.47
N TYR A 222 15.66 40.13 -32.34
CA TYR A 222 16.68 40.05 -31.28
C TYR A 222 17.96 40.65 -31.82
N GLN A 223 18.27 41.87 -31.40
CA GLN A 223 19.48 42.56 -31.83
C GLN A 223 20.05 43.32 -30.63
N THR A 224 21.05 44.14 -30.89
CA THR A 224 21.70 44.92 -29.84
C THR A 224 20.85 46.13 -29.45
N ILE A 229 21.90 40.86 -24.58
CA ILE A 229 22.85 39.77 -24.84
C ILE A 229 22.64 38.65 -23.84
N ARG A 230 22.50 39.01 -22.57
CA ARG A 230 22.30 38.05 -21.50
C ARG A 230 21.05 38.32 -20.67
N TRP A 231 20.80 39.59 -20.40
CA TRP A 231 19.61 39.96 -19.59
C TRP A 231 18.36 39.75 -20.44
N LYS A 232 18.36 40.28 -21.66
CA LYS A 232 17.19 40.15 -22.57
C LYS A 232 16.82 38.66 -22.68
N LEU A 233 17.73 37.83 -23.20
CA LEU A 233 17.45 36.39 -23.41
C LEU A 233 17.01 35.74 -22.09
N LEU A 234 17.75 35.95 -21.00
CA LEU A 234 17.44 35.27 -19.72
C LEU A 234 15.97 35.54 -19.34
N MET A 235 15.60 36.81 -19.18
CA MET A 235 14.23 37.15 -18.74
C MET A 235 13.21 36.60 -19.75
N LEU A 236 13.51 36.73 -21.05
CA LEU A 236 12.57 36.25 -22.10
C LEU A 236 12.27 34.77 -21.87
N GLY A 237 13.31 33.94 -21.69
CA GLY A 237 13.11 32.50 -21.46
C GLY A 237 12.39 32.24 -20.16
N LEU A 238 12.79 32.93 -19.09
CA LEU A 238 12.14 32.75 -17.76
C LEU A 238 10.63 33.02 -17.91
N GLU A 239 10.27 34.23 -18.32
CA GLU A 239 8.83 34.59 -18.40
C GLU A 239 8.13 33.56 -19.29
N LEU A 240 8.75 33.19 -20.40
CA LEU A 240 8.14 32.22 -21.35
C LEU A 240 7.78 30.96 -20.55
N LEU A 241 8.75 30.31 -19.92
CA LEU A 241 8.48 29.05 -19.19
C LEU A 241 7.39 29.30 -18.13
N PHE A 242 7.56 30.36 -17.33
CA PHE A 242 6.61 30.60 -16.21
C PHE A 242 5.16 30.72 -16.69
N GLY A 243 4.94 31.34 -17.85
CA GLY A 243 3.56 31.57 -18.30
C GLY A 243 3.04 30.49 -19.23
N PHE A 244 3.92 29.68 -19.81
CA PHE A 244 3.43 28.70 -20.83
C PHE A 244 3.60 27.26 -20.33
N PHE A 245 4.83 26.77 -20.24
CA PHE A 245 5.04 25.34 -19.87
C PHE A 245 4.43 25.08 -18.48
N ILE A 246 4.73 25.94 -17.51
CA ILE A 246 4.23 25.71 -16.11
C ILE A 246 2.70 25.64 -16.10
N PRO A 247 1.95 26.68 -16.54
CA PRO A 247 0.50 26.64 -16.46
C PRO A 247 -0.09 25.49 -17.27
N LEU A 248 0.34 25.35 -18.52
CA LEU A 248 -0.19 24.27 -19.39
C LEU A 248 -0.10 22.93 -18.65
N MET A 249 1.02 22.66 -17.97
CA MET A 249 1.18 21.42 -17.23
C MET A 249 0.18 21.32 -16.08
N PHE A 250 -0.03 22.44 -15.37
CA PHE A 250 -1.05 22.51 -14.33
C PHE A 250 -2.44 22.26 -14.91
N MET A 251 -2.71 22.81 -16.10
CA MET A 251 -4.01 22.62 -16.74
C MET A 251 -4.25 21.18 -17.15
N ILE A 252 -3.25 20.51 -17.77
CA ILE A 252 -3.49 19.15 -18.24
C ILE A 252 -3.59 18.20 -17.05
N PHE A 253 -2.79 18.43 -16.00
CA PHE A 253 -2.88 17.62 -14.78
C PHE A 253 -4.24 17.78 -14.10
N CYS A 254 -4.69 19.03 -13.92
CA CYS A 254 -5.96 19.29 -13.24
C CYS A 254 -7.14 18.78 -14.06
N TYR A 255 -7.12 18.96 -15.38
CA TYR A 255 -8.25 18.51 -16.20
C TYR A 255 -8.29 17.00 -16.34
N THR A 256 -7.12 16.34 -16.40
CA THR A 256 -7.12 14.88 -16.41
C THR A 256 -7.61 14.31 -15.09
N ALA A 257 -7.22 14.93 -13.96
CA ALA A 257 -7.71 14.45 -12.67
C ALA A 257 -9.20 14.74 -12.49
N ILE A 258 -9.70 15.84 -13.06
CA ILE A 258 -11.12 16.15 -12.99
C ILE A 258 -11.93 15.17 -13.83
N VAL A 259 -11.46 14.87 -15.06
CA VAL A 259 -12.16 13.94 -15.94
C VAL A 259 -12.11 12.53 -15.38
N LYS A 260 -10.98 12.12 -14.81
CA LYS A 260 -10.89 10.81 -14.17
C LYS A 260 -11.72 10.74 -12.90
N THR A 261 -11.87 11.86 -12.18
CA THR A 261 -12.70 11.86 -10.98
C THR A 261 -14.18 11.78 -11.32
N LEU A 262 -14.63 12.57 -12.30
CA LEU A 262 -16.05 12.62 -12.63
C LEU A 262 -16.52 11.35 -13.35
N ARG A 263 -15.67 10.75 -14.18
CA ARG A 263 -16.05 9.53 -14.88
C ARG A 263 -16.04 8.32 -13.95
N ARG A 264 -15.17 8.31 -12.94
CA ARG A 264 -15.19 7.24 -11.95
C ARG A 264 -16.42 7.34 -11.07
N GLN A 265 -16.83 8.57 -10.72
CA GLN A 265 -18.07 8.76 -9.97
C GLN A 265 -19.29 8.40 -10.80
N LEU A 266 -19.22 8.55 -12.12
CA LEU A 266 -20.25 8.00 -12.98
C LEU A 266 -20.23 6.47 -12.96
N ALA A 267 -19.04 5.89 -12.90
CA ALA A 267 -18.92 4.43 -12.84
C ALA A 267 -19.32 3.90 -11.48
N ASP A 268 -18.89 4.57 -10.40
CA ASP A 268 -19.21 4.10 -9.05
C ASP A 268 -20.69 4.25 -8.74
N LEU A 269 -21.37 5.22 -9.35
CA LEU A 269 -22.81 5.32 -9.19
C LEU A 269 -23.53 4.21 -9.95
N GLU A 270 -23.03 3.85 -11.13
CA GLU A 270 -23.73 2.87 -11.97
C GLU A 270 -23.47 1.44 -11.50
N ASP A 271 -22.22 1.07 -11.21
CA ASP A 271 -21.92 -0.31 -10.84
C ASP A 271 -22.43 -0.65 -9.45
N ASN A 272 -22.54 0.33 -8.55
CA ASN A 272 -23.22 0.07 -7.29
C ASN A 272 -24.72 -0.12 -7.49
N TRP A 273 -25.29 0.58 -8.47
CA TRP A 273 -26.70 0.42 -8.82
C TRP A 273 -26.93 -0.79 -9.72
N GLU A 274 -25.93 -1.19 -10.51
CA GLU A 274 -26.09 -2.35 -11.40
C GLU A 274 -26.19 -3.64 -10.60
N THR A 275 -25.35 -3.82 -9.59
CA THR A 275 -25.36 -5.05 -8.81
C THR A 275 -26.44 -5.09 -7.74
N LEU A 276 -27.06 -3.96 -7.42
CA LEU A 276 -28.22 -3.97 -6.54
C LEU A 276 -29.50 -4.39 -7.26
N ASN A 277 -29.47 -4.49 -8.58
CA ASN A 277 -30.60 -5.03 -9.36
C ASN A 277 -30.27 -6.35 -10.03
N ASP A 278 -29.05 -6.51 -10.56
CA ASP A 278 -28.67 -7.75 -11.24
C ASP A 278 -28.62 -8.92 -10.27
N ASN A 279 -28.09 -8.71 -9.07
CA ASN A 279 -28.06 -9.78 -8.08
C ASN A 279 -29.42 -10.01 -7.44
N LEU A 280 -30.36 -9.08 -7.59
CA LEU A 280 -31.72 -9.33 -7.13
C LEU A 280 -32.42 -10.30 -8.08
N LYS A 281 -32.00 -10.34 -9.35
CA LYS A 281 -32.55 -11.34 -10.27
C LYS A 281 -32.01 -12.73 -9.98
N VAL A 282 -30.79 -12.84 -9.45
CA VAL A 282 -30.24 -14.13 -9.08
C VAL A 282 -30.94 -14.73 -7.86
N ILE A 283 -31.45 -13.88 -6.97
CA ILE A 283 -32.14 -14.36 -5.77
C ILE A 283 -33.44 -15.06 -6.14
N GLU A 284 -34.19 -14.51 -7.09
CA GLU A 284 -35.51 -15.05 -7.44
C GLU A 284 -35.45 -16.34 -8.24
N LYS A 285 -34.28 -16.75 -8.74
CA LYS A 285 -34.16 -18.00 -9.49
C LYS A 285 -33.06 -18.90 -8.93
N ALA A 286 -32.72 -18.75 -7.65
CA ALA A 286 -31.57 -19.46 -7.10
C ALA A 286 -31.87 -20.94 -6.86
N ASP A 287 -33.07 -21.25 -6.36
CA ASP A 287 -33.61 -22.57 -6.01
C ASP A 287 -32.88 -23.26 -4.85
N ASN A 288 -31.89 -22.62 -4.24
CA ASN A 288 -31.30 -23.10 -3.00
C ASN A 288 -30.71 -21.91 -2.26
N ALA A 289 -30.31 -22.14 -1.01
CA ALA A 289 -29.80 -21.07 -0.17
C ALA A 289 -28.36 -20.70 -0.47
N ALA A 290 -27.66 -21.47 -1.30
CA ALA A 290 -26.24 -21.22 -1.55
C ALA A 290 -26.02 -19.99 -2.43
N GLN A 291 -26.83 -19.85 -3.49
CA GLN A 291 -26.72 -18.67 -4.34
C GLN A 291 -27.35 -17.42 -3.72
N VAL A 292 -28.27 -17.60 -2.77
CA VAL A 292 -28.89 -16.44 -2.13
C VAL A 292 -27.88 -15.73 -1.23
N LYS A 293 -27.04 -16.50 -0.52
CA LYS A 293 -26.00 -15.89 0.30
C LYS A 293 -24.95 -15.18 -0.53
N ASP A 294 -24.56 -15.76 -1.67
CA ASP A 294 -23.54 -15.14 -2.51
C ASP A 294 -24.07 -13.93 -3.25
N ALA A 295 -25.36 -13.89 -3.57
CA ALA A 295 -25.94 -12.72 -4.20
C ALA A 295 -26.08 -11.58 -3.19
N LEU A 296 -26.56 -11.89 -1.99
CA LEU A 296 -26.76 -10.87 -0.96
C LEU A 296 -25.44 -10.36 -0.38
N THR A 297 -24.36 -11.12 -0.52
CA THR A 297 -23.04 -10.64 -0.12
C THR A 297 -22.62 -9.47 -1.00
N LYS A 298 -22.88 -9.57 -2.31
CA LYS A 298 -22.52 -8.50 -3.23
C LYS A 298 -23.41 -7.27 -3.05
N MET A 299 -24.67 -7.47 -2.66
CA MET A 299 -25.56 -6.33 -2.46
C MET A 299 -25.32 -5.62 -1.13
N ARG A 300 -24.81 -6.33 -0.12
CA ARG A 300 -24.44 -5.65 1.12
C ARG A 300 -23.18 -4.83 0.94
N ALA A 301 -22.27 -5.29 0.07
CA ALA A 301 -21.08 -4.52 -0.25
C ALA A 301 -21.37 -3.35 -1.18
N ALA A 302 -22.33 -3.52 -2.09
CA ALA A 302 -22.71 -2.43 -2.98
C ALA A 302 -23.44 -1.32 -2.23
N ALA A 303 -24.37 -1.69 -1.35
CA ALA A 303 -25.14 -0.70 -0.62
C ALA A 303 -24.32 0.01 0.43
N LEU A 304 -23.24 -0.62 0.90
CA LEU A 304 -22.34 0.04 1.84
C LEU A 304 -21.47 1.07 1.13
N ASP A 305 -20.99 0.75 -0.08
CA ASP A 305 -20.22 1.70 -0.88
C ASP A 305 -21.08 2.84 -1.41
N ALA A 306 -22.32 2.55 -1.81
CA ALA A 306 -23.18 3.59 -2.35
C ALA A 306 -23.65 4.55 -1.27
N GLN A 307 -23.67 4.11 -0.01
CA GLN A 307 -23.94 5.01 1.10
C GLN A 307 -22.80 6.00 1.30
N LYS A 308 -21.58 5.61 0.97
CA LYS A 308 -20.40 6.46 1.11
C LYS A 308 -20.24 7.45 -0.04
N ALA A 309 -21.09 7.37 -1.06
CA ALA A 309 -20.94 8.22 -2.24
C ALA A 309 -21.35 9.65 -1.93
N THR A 310 -20.50 10.60 -2.30
CA THR A 310 -20.77 12.02 -2.11
C THR A 310 -21.15 12.64 -3.45
N PRO A 311 -22.40 13.07 -3.63
CA PRO A 311 -22.79 13.71 -4.89
C PRO A 311 -22.17 15.09 -5.01
N PRO A 312 -22.02 15.60 -6.23
CA PRO A 312 -21.50 16.98 -6.40
C PRO A 312 -22.41 18.05 -5.81
N LYS A 313 -23.72 17.81 -5.73
CA LYS A 313 -24.60 18.75 -5.04
C LYS A 313 -24.41 18.69 -3.53
N LEU A 314 -23.87 17.59 -3.00
CA LEU A 314 -23.54 17.47 -1.60
C LEU A 314 -22.03 17.49 -1.35
N GLU A 315 -21.22 17.63 -2.40
CA GLU A 315 -19.78 17.77 -2.22
C GLU A 315 -19.44 19.12 -1.59
N ASP A 316 -20.07 20.19 -2.08
CA ASP A 316 -19.87 21.51 -1.48
C ASP A 316 -20.62 21.65 -0.16
N LYS A 317 -21.66 20.85 0.06
CA LYS A 317 -22.42 20.89 1.30
C LYS A 317 -21.65 20.20 2.42
N SER A 318 -22.12 20.39 3.65
CA SER A 318 -21.51 19.75 4.80
C SER A 318 -21.80 18.25 4.78
N PRO A 319 -20.85 17.43 5.25
CA PRO A 319 -21.10 15.98 5.35
C PRO A 319 -22.17 15.62 6.37
N ASP A 320 -22.46 16.48 7.34
CA ASP A 320 -23.50 16.24 8.34
C ASP A 320 -24.78 17.01 8.02
N SER A 321 -25.04 17.26 6.74
CA SER A 321 -26.23 17.99 6.34
C SER A 321 -27.48 17.11 6.50
N PRO A 322 -28.63 17.72 6.80
CA PRO A 322 -29.87 16.93 6.87
C PRO A 322 -30.33 16.36 5.54
N GLU A 323 -29.91 16.93 4.41
CA GLU A 323 -30.25 16.35 3.12
C GLU A 323 -29.48 15.06 2.88
N MET A 324 -28.24 14.99 3.35
CA MET A 324 -27.46 13.76 3.23
C MET A 324 -27.95 12.70 4.20
N LYS A 325 -28.42 13.10 5.39
CA LYS A 325 -28.78 12.15 6.42
C LYS A 325 -30.04 11.35 6.07
N ASP A 326 -30.92 11.90 5.24
CA ASP A 326 -32.01 11.10 4.70
C ASP A 326 -31.51 10.09 3.69
N PHE A 327 -30.48 10.47 2.92
CA PHE A 327 -29.90 9.56 1.93
C PHE A 327 -29.13 8.42 2.59
N ARG A 328 -28.45 8.71 3.70
CA ARG A 328 -27.73 7.66 4.43
C ARG A 328 -28.70 6.73 5.16
N HIS A 329 -29.81 7.27 5.66
CA HIS A 329 -30.77 6.47 6.42
C HIS A 329 -31.50 5.48 5.53
N GLY A 330 -31.64 5.78 4.25
CA GLY A 330 -32.22 4.81 3.32
C GLY A 330 -31.32 3.60 3.12
N PHE A 331 -30.01 3.81 3.11
CA PHE A 331 -29.08 2.69 3.07
C PHE A 331 -28.85 2.07 4.44
N ASP A 332 -29.20 2.77 5.52
CA ASP A 332 -29.20 2.13 6.83
C ASP A 332 -30.35 1.15 6.97
N ILE A 333 -31.41 1.34 6.19
CA ILE A 333 -32.54 0.43 6.16
C ILE A 333 -32.31 -0.70 5.16
N LEU A 334 -31.67 -0.37 4.02
CA LEU A 334 -31.49 -1.35 2.95
C LEU A 334 -30.48 -2.44 3.33
N VAL A 335 -29.40 -2.06 4.02
CA VAL A 335 -28.43 -3.05 4.48
C VAL A 335 -29.04 -3.91 5.59
N GLY A 336 -29.86 -3.31 6.44
CA GLY A 336 -30.58 -4.04 7.47
C GLY A 336 -31.64 -4.99 6.93
N GLN A 337 -32.07 -4.81 5.69
CA GLN A 337 -32.94 -5.77 5.03
C GLN A 337 -32.16 -6.83 4.26
N ILE A 338 -30.95 -6.51 3.80
CA ILE A 338 -30.03 -7.55 3.36
C ILE A 338 -29.61 -8.42 4.53
N ASP A 339 -29.35 -7.79 5.69
CA ASP A 339 -28.98 -8.52 6.90
C ASP A 339 -30.10 -9.41 7.41
N ASP A 340 -31.36 -9.01 7.19
CA ASP A 340 -32.48 -9.87 7.54
C ASP A 340 -32.59 -11.05 6.58
N ALA A 341 -32.32 -10.81 5.30
CA ALA A 341 -32.37 -11.89 4.31
C ALA A 341 -31.14 -12.78 4.39
N LEU A 342 -29.98 -12.23 4.78
CA LEU A 342 -28.81 -13.06 5.01
C LEU A 342 -28.97 -13.93 6.24
N LYS A 343 -29.70 -13.44 7.25
CA LYS A 343 -29.98 -14.24 8.44
C LYS A 343 -30.90 -15.41 8.12
N LEU A 344 -31.83 -15.23 7.18
CA LEU A 344 -32.68 -16.33 6.74
C LEU A 344 -31.96 -17.28 5.79
N ALA A 345 -31.05 -16.76 4.96
CA ALA A 345 -30.38 -17.60 3.97
C ALA A 345 -29.33 -18.50 4.59
N ASN A 346 -28.75 -18.11 5.72
CA ASN A 346 -27.81 -19.00 6.41
C ASN A 346 -28.51 -20.13 7.15
N GLU A 347 -29.81 -20.00 7.40
CA GLU A 347 -30.59 -21.05 8.03
C GLU A 347 -31.13 -22.06 7.03
N GLY A 348 -30.80 -21.92 5.75
CA GLY A 348 -31.27 -22.80 4.72
C GLY A 348 -32.63 -22.46 4.15
N LYS A 349 -33.27 -21.42 4.67
CA LYS A 349 -34.60 -21.01 4.21
C LYS A 349 -34.45 -20.25 2.90
N VAL A 350 -34.99 -20.82 1.82
CA VAL A 350 -34.86 -20.21 0.50
C VAL A 350 -36.07 -19.35 0.16
N LYS A 351 -37.29 -19.83 0.49
CA LYS A 351 -38.49 -19.07 0.20
C LYS A 351 -38.59 -17.83 1.07
N GLU A 352 -38.21 -17.94 2.34
CA GLU A 352 -38.24 -16.80 3.25
C GLU A 352 -37.13 -15.80 2.96
N ALA A 353 -36.01 -16.25 2.37
CA ALA A 353 -34.95 -15.32 2.01
C ALA A 353 -35.32 -14.50 0.79
N GLN A 354 -36.02 -15.13 -0.18
CA GLN A 354 -36.50 -14.40 -1.35
C GLN A 354 -37.61 -13.42 -0.96
N ALA A 355 -38.45 -13.80 0.00
CA ALA A 355 -39.53 -12.91 0.44
C ALA A 355 -38.98 -11.73 1.21
N ALA A 356 -37.92 -11.91 1.98
CA ALA A 356 -37.28 -10.79 2.65
C ALA A 356 -36.50 -9.91 1.68
N ALA A 357 -36.13 -10.46 0.51
CA ALA A 357 -35.53 -9.66 -0.54
C ALA A 357 -36.56 -8.94 -1.41
N GLU A 358 -37.86 -9.26 -1.23
CA GLU A 358 -38.90 -8.47 -1.89
C GLU A 358 -39.02 -7.08 -1.29
N GLN A 359 -38.74 -6.95 0.00
CA GLN A 359 -38.72 -5.64 0.65
C GLN A 359 -37.50 -4.81 0.27
N LEU A 360 -36.49 -5.43 -0.36
CA LEU A 360 -35.37 -4.67 -0.88
C LEU A 360 -35.75 -3.86 -2.12
N LYS A 361 -36.81 -4.26 -2.83
CA LYS A 361 -37.30 -3.48 -3.96
C LYS A 361 -38.09 -2.33 -3.38
N THR A 362 -38.79 -2.55 -2.26
CA THR A 362 -39.62 -1.51 -1.68
C THR A 362 -38.82 -0.28 -1.18
N THR A 363 -37.79 -0.55 -0.38
CA THR A 363 -36.88 0.51 0.05
C THR A 363 -36.02 1.20 -0.99
N ARG A 364 -35.61 0.46 -2.03
CA ARG A 364 -34.86 1.07 -3.13
C ARG A 364 -35.73 2.05 -3.91
N ASN A 365 -37.00 1.72 -4.11
CA ASN A 365 -37.92 2.58 -4.85
C ASN A 365 -38.42 3.77 -4.04
N ALA A 366 -38.14 3.82 -2.74
CA ALA A 366 -38.62 4.91 -1.89
C ALA A 366 -37.52 5.71 -1.22
N TYR A 367 -36.28 5.23 -1.23
CA TYR A 367 -35.18 5.94 -0.58
C TYR A 367 -33.97 6.16 -1.48
N ILE A 368 -33.66 5.20 -2.34
CA ILE A 368 -32.39 5.18 -3.06
C ILE A 368 -32.54 5.65 -4.49
N GLN A 369 -33.57 5.17 -5.20
CA GLN A 369 -33.83 5.60 -6.57
C GLN A 369 -34.26 7.07 -6.63
N LYS A 370 -34.82 7.60 -5.55
CA LYS A 370 -35.06 9.04 -5.46
C LYS A 370 -33.74 9.82 -5.46
N TYR A 371 -32.74 9.31 -4.74
CA TYR A 371 -31.43 9.95 -4.69
C TYR A 371 -30.50 9.47 -5.79
N LEU A 372 -30.83 8.37 -6.47
CA LEU A 372 -30.02 7.93 -7.59
C LEU A 372 -30.15 8.87 -8.78
N GLU A 373 -31.39 9.21 -9.15
CA GLU A 373 -31.62 10.05 -10.31
C GLU A 373 -31.29 11.51 -10.03
N ARG A 374 -31.36 11.93 -8.76
CA ARG A 374 -30.88 13.26 -8.40
C ARG A 374 -29.37 13.35 -8.50
N ALA A 375 -28.66 12.28 -8.16
CA ALA A 375 -27.21 12.25 -8.32
C ALA A 375 -26.82 12.03 -9.77
N ARG A 376 -27.59 11.23 -10.51
CA ARG A 376 -27.31 11.00 -11.92
C ARG A 376 -27.70 12.18 -12.80
N SER A 377 -28.43 13.15 -12.27
CA SER A 377 -28.67 14.38 -13.00
C SER A 377 -27.64 15.45 -12.65
N THR A 378 -27.18 15.47 -11.39
CA THR A 378 -26.20 16.47 -10.98
C THR A 378 -24.82 16.13 -11.52
N LEU A 379 -24.43 14.85 -11.48
CA LEU A 379 -23.12 14.43 -11.96
C LEU A 379 -22.99 14.63 -13.47
N GLN A 380 -24.03 14.31 -14.23
CA GLN A 380 -24.01 14.54 -15.66
C GLN A 380 -24.14 16.02 -16.01
N LYS A 381 -24.75 16.82 -15.14
CA LYS A 381 -24.72 18.27 -15.32
C LYS A 381 -23.32 18.81 -15.15
N GLU A 382 -22.56 18.26 -14.19
CA GLU A 382 -21.17 18.68 -13.99
C GLU A 382 -20.29 18.24 -15.15
N VAL A 383 -20.58 17.06 -15.71
CA VAL A 383 -19.89 16.61 -16.93
C VAL A 383 -20.25 17.53 -18.10
N LYS A 384 -21.53 17.94 -18.17
CA LYS A 384 -21.94 18.92 -19.18
C LYS A 384 -21.31 20.28 -18.92
N ALA A 385 -21.12 20.64 -17.65
CA ALA A 385 -20.48 21.91 -17.34
C ALA A 385 -18.97 21.86 -17.53
N ILE A 386 -18.34 20.69 -17.35
CA ILE A 386 -16.90 20.61 -17.52
C ILE A 386 -16.53 20.42 -18.98
N ARG A 387 -17.50 20.04 -19.81
CA ARG A 387 -17.19 19.81 -21.22
C ARG A 387 -17.22 21.07 -22.05
N VAL A 388 -17.76 22.17 -21.52
CA VAL A 388 -17.77 23.42 -22.27
C VAL A 388 -16.52 24.26 -21.97
N ILE A 389 -15.99 24.20 -20.75
CA ILE A 389 -14.75 24.94 -20.47
C ILE A 389 -13.48 24.21 -20.89
N ILE A 390 -13.52 22.88 -21.00
CA ILE A 390 -12.42 22.17 -21.63
C ILE A 390 -12.43 22.39 -23.14
N ALA A 391 -13.63 22.48 -23.72
CA ALA A 391 -13.75 22.85 -25.13
C ALA A 391 -13.33 24.30 -25.31
N VAL A 392 -13.56 25.15 -24.31
CA VAL A 392 -13.05 26.52 -24.34
C VAL A 392 -11.53 26.50 -24.25
N VAL A 393 -10.97 25.62 -23.42
CA VAL A 393 -9.53 25.43 -23.35
C VAL A 393 -8.99 24.88 -24.66
N LEU A 394 -9.67 23.87 -25.23
CA LEU A 394 -9.17 23.22 -26.43
C LEU A 394 -9.28 24.09 -27.67
N VAL A 395 -10.30 24.96 -27.74
CA VAL A 395 -10.37 25.92 -28.83
C VAL A 395 -9.26 26.96 -28.69
N PHE A 396 -9.02 27.41 -27.46
CA PHE A 396 -7.92 28.35 -27.19
C PHE A 396 -6.56 27.70 -27.44
N LEU A 397 -6.43 26.40 -27.19
CA LEU A 397 -5.18 25.70 -27.43
C LEU A 397 -5.09 25.11 -28.84
N ALA A 398 -6.09 25.36 -29.69
CA ALA A 398 -5.97 25.03 -31.11
C ALA A 398 -5.76 26.26 -31.98
N CYS A 399 -6.16 27.43 -31.51
CA CYS A 399 -5.98 28.67 -32.26
C CYS A 399 -4.69 29.39 -31.87
N GLN A 400 -4.51 29.65 -30.58
CA GLN A 400 -3.41 30.49 -30.11
C GLN A 400 -2.11 29.73 -29.90
N ILE A 401 -2.11 28.41 -30.04
CA ILE A 401 -0.89 27.61 -29.90
C ILE A 401 0.02 27.68 -31.13
N PRO A 402 -0.41 27.40 -32.37
CA PRO A 402 0.58 27.34 -33.46
C PRO A 402 1.12 28.69 -33.90
N HIS A 403 0.45 29.79 -33.55
CA HIS A 403 1.00 31.11 -33.87
C HIS A 403 2.17 31.46 -32.96
N ASN A 404 2.07 31.11 -31.67
CA ASN A 404 3.15 31.38 -30.75
C ASN A 404 4.32 30.42 -30.94
N MET A 405 4.06 29.23 -31.48
CA MET A 405 5.16 28.35 -31.87
C MET A 405 5.90 28.88 -33.09
N VAL A 406 5.19 29.59 -33.98
CA VAL A 406 5.83 30.22 -35.12
C VAL A 406 6.70 31.38 -34.67
N LEU A 407 6.19 32.21 -33.76
CA LEU A 407 6.93 33.37 -33.28
C LEU A 407 8.05 33.00 -32.30
N LEU A 408 8.07 31.77 -31.80
CA LEU A 408 9.18 31.30 -30.97
C LEU A 408 10.32 30.74 -31.81
N VAL A 409 10.00 30.03 -32.89
CA VAL A 409 11.04 29.44 -33.73
C VAL A 409 11.70 30.47 -34.63
N THR A 410 11.05 31.62 -34.88
CA THR A 410 11.69 32.69 -35.63
C THR A 410 12.74 33.40 -34.79
N ALA A 411 12.46 33.61 -33.51
CA ALA A 411 13.44 34.18 -32.60
C ALA A 411 14.51 33.18 -32.19
N ALA A 412 14.24 31.88 -32.30
CA ALA A 412 15.23 30.88 -31.96
C ALA A 412 16.32 30.77 -33.02
N ASN A 413 15.95 30.85 -34.29
CA ASN A 413 16.88 30.73 -35.41
C ASN A 413 17.03 32.10 -36.07
N LEU A 414 18.21 32.69 -35.95
CA LEU A 414 18.48 34.00 -36.54
C LEU A 414 19.77 33.97 -37.35
N SER A 423 9.65 25.33 -50.05
CA SER A 423 10.88 26.06 -49.78
C SER A 423 10.60 27.31 -48.94
N GLU A 424 10.95 28.48 -49.47
CA GLU A 424 10.72 29.73 -48.75
C GLU A 424 9.25 30.15 -48.79
N LYS A 425 8.46 29.58 -49.69
CA LYS A 425 7.03 29.90 -49.74
C LYS A 425 6.28 29.27 -48.57
N LEU A 426 6.76 28.13 -48.07
CA LEU A 426 6.06 27.40 -47.01
C LEU A 426 6.14 28.15 -45.68
N ILE A 427 7.27 28.80 -45.40
CA ILE A 427 7.44 29.51 -44.14
C ILE A 427 6.55 30.75 -44.10
N ALA A 428 6.46 31.49 -45.21
CA ALA A 428 5.60 32.66 -45.27
C ALA A 428 4.12 32.27 -45.28
N TYR A 429 3.79 31.12 -45.86
CA TYR A 429 2.40 30.66 -45.86
C TYR A 429 1.96 30.19 -44.48
N THR A 430 2.81 29.42 -43.80
CA THR A 430 2.48 28.95 -42.46
C THR A 430 2.54 30.07 -41.42
N LYS A 431 3.25 31.17 -41.71
CA LYS A 431 3.22 32.34 -40.84
C LYS A 431 1.84 32.99 -40.87
N THR A 432 1.30 33.20 -42.07
CA THR A 432 0.02 33.89 -42.22
C THR A 432 -1.17 33.01 -41.88
N VAL A 433 -1.03 31.69 -42.05
CA VAL A 433 -2.13 30.77 -41.71
C VAL A 433 -2.36 30.75 -40.20
N THR A 434 -1.27 30.65 -39.43
CA THR A 434 -1.39 30.73 -37.97
C THR A 434 -1.66 32.15 -37.50
N GLU A 435 -1.36 33.15 -38.33
CA GLU A 435 -1.68 34.54 -37.98
C GLU A 435 -3.19 34.76 -37.96
N VAL A 436 -3.90 34.19 -38.92
CA VAL A 436 -5.36 34.31 -38.94
C VAL A 436 -6.02 33.26 -38.05
N LEU A 437 -5.29 32.21 -37.65
CA LEU A 437 -5.87 31.18 -36.81
C LEU A 437 -6.00 31.65 -35.36
N ALA A 438 -4.95 32.26 -34.82
CA ALA A 438 -4.99 32.75 -33.45
C ALA A 438 -5.84 34.01 -33.33
N PHE A 439 -5.97 34.76 -34.43
CA PHE A 439 -6.80 35.95 -34.40
C PHE A 439 -8.27 35.63 -34.55
N LEU A 440 -8.60 34.39 -34.96
CA LEU A 440 -9.98 33.93 -35.07
C LEU A 440 -10.61 33.64 -33.72
N HIS A 441 -9.78 33.49 -32.67
CA HIS A 441 -10.24 32.98 -31.38
C HIS A 441 -11.20 33.94 -30.68
N CYS A 442 -11.12 35.24 -30.99
CA CYS A 442 -12.06 36.20 -30.41
C CYS A 442 -13.49 36.01 -30.94
N CYS A 443 -13.65 35.34 -32.07
CA CYS A 443 -14.97 34.97 -32.56
C CYS A 443 -15.42 33.60 -32.07
N LEU A 444 -14.48 32.67 -31.88
CA LEU A 444 -14.83 31.29 -31.58
C LEU A 444 -15.31 31.07 -30.15
N ASN A 445 -15.07 32.00 -29.24
CA ASN A 445 -15.53 31.81 -27.87
C ASN A 445 -17.02 32.14 -27.68
N PRO A 446 -17.61 33.21 -28.23
CA PRO A 446 -19.09 33.31 -28.18
C PRO A 446 -19.82 32.29 -29.03
N VAL A 447 -19.13 31.65 -29.99
CA VAL A 447 -19.72 30.53 -30.71
C VAL A 447 -19.94 29.35 -29.77
N LEU A 448 -18.96 29.08 -28.90
CA LEU A 448 -19.05 27.93 -28.00
C LEU A 448 -20.09 28.13 -26.90
N TYR A 449 -20.25 29.37 -26.43
CA TYR A 449 -21.26 29.62 -25.40
C TYR A 449 -22.67 29.53 -25.96
N ALA A 450 -22.85 29.88 -27.24
CA ALA A 450 -24.16 29.77 -27.86
C ALA A 450 -24.52 28.33 -28.21
N PHE A 451 -23.53 27.48 -28.47
CA PHE A 451 -23.80 26.12 -28.93
C PHE A 451 -23.83 25.12 -27.79
N ILE A 452 -22.73 24.99 -27.05
CA ILE A 452 -22.63 24.00 -25.99
C ILE A 452 -22.57 24.65 -24.61
N GLY A 453 -22.94 25.93 -24.51
CA GLY A 453 -22.99 26.60 -23.21
C GLY A 453 -24.33 26.39 -22.55
N GLN A 454 -24.30 26.17 -21.23
CA GLN A 454 -25.50 25.91 -20.46
C GLN A 454 -25.96 27.07 -19.60
N LYS A 455 -25.16 28.12 -19.48
CA LYS A 455 -25.55 29.31 -18.72
C LYS A 455 -25.75 30.54 -19.57
N PHE A 456 -24.97 30.70 -20.65
CA PHE A 456 -25.13 31.87 -21.51
C PHE A 456 -26.39 31.76 -22.36
N ARG A 457 -26.73 30.54 -22.79
CA ARG A 457 -27.86 30.36 -23.70
C ARG A 457 -29.19 30.60 -23.00
N ASN A 458 -29.29 30.22 -21.73
CA ASN A 458 -30.54 30.43 -20.98
C ASN A 458 -30.74 31.90 -20.65
N TYR A 459 -29.66 32.63 -20.34
CA TYR A 459 -29.77 34.03 -19.96
C TYR A 459 -29.71 34.99 -21.15
N PHE A 460 -29.29 34.52 -22.33
CA PHE A 460 -29.43 35.36 -23.52
C PHE A 460 -30.89 35.44 -23.94
N LEU A 461 -31.65 34.37 -23.76
CA LEU A 461 -33.09 34.40 -23.97
C LEU A 461 -33.81 35.20 -22.90
N LYS A 462 -33.20 35.35 -21.72
CA LYS A 462 -33.81 36.14 -20.65
C LYS A 462 -33.77 37.63 -20.96
N ILE A 463 -32.62 38.13 -21.44
CA ILE A 463 -32.53 39.54 -21.78
C ILE A 463 -33.22 39.84 -23.09
N LEU A 464 -33.36 38.85 -23.98
CA LEU A 464 -34.09 39.07 -25.22
C LEU A 464 -35.59 39.14 -24.96
N LYS A 465 -36.09 38.39 -23.98
CA LYS A 465 -37.51 38.48 -23.63
C LYS A 465 -37.85 39.79 -22.95
N ASP A 466 -36.92 40.33 -22.15
CA ASP A 466 -37.16 41.58 -21.44
C ASP A 466 -37.05 42.81 -22.33
N LEU A 467 -36.50 42.68 -23.54
CA LEU A 467 -36.38 43.80 -24.46
C LEU A 467 -37.34 43.73 -25.62
N TRP A 468 -37.75 42.53 -26.05
CA TRP A 468 -38.70 42.37 -27.16
C TRP A 468 -40.11 42.52 -26.60
N CYS A 469 -40.51 43.77 -26.40
CA CYS A 469 -41.84 44.08 -25.87
C CYS A 469 -42.39 45.35 -26.48
N GLU B 23 -14.72 1.08 31.97
CA GLU B 23 -14.16 -0.22 32.30
C GLU B 23 -15.00 -1.31 31.64
N VAL B 24 -14.63 -1.65 30.41
CA VAL B 24 -15.33 -2.71 29.68
C VAL B 24 -14.32 -3.82 29.40
N GLN B 25 -14.68 -5.05 29.73
CA GLN B 25 -13.72 -6.14 29.66
C GLN B 25 -14.43 -7.46 29.36
N LEU B 26 -13.71 -8.37 28.71
CA LEU B 26 -14.17 -9.72 28.45
C LEU B 26 -13.18 -10.70 29.05
N VAL B 27 -13.68 -11.67 29.81
CA VAL B 27 -12.84 -12.63 30.51
C VAL B 27 -13.25 -14.03 30.10
N GLU B 28 -12.31 -14.79 29.54
CA GLU B 28 -12.57 -16.18 29.19
C GLU B 28 -12.28 -17.10 30.37
N SER B 29 -12.87 -18.29 30.31
CA SER B 29 -12.65 -19.31 31.34
C SER B 29 -13.00 -20.66 30.71
N GLY B 30 -12.63 -21.72 31.42
CA GLY B 30 -12.99 -23.06 31.02
C GLY B 30 -12.08 -23.72 30.01
N GLY B 31 -11.08 -23.02 29.49
CA GLY B 31 -10.11 -23.65 28.62
C GLY B 31 -9.18 -24.56 29.41
N GLY B 32 -8.93 -25.74 28.87
CA GLY B 32 -8.11 -26.70 29.57
C GLY B 32 -7.62 -27.88 28.76
N LEU B 33 -7.65 -29.06 29.35
CA LEU B 33 -7.09 -30.27 28.77
C LEU B 33 -8.20 -31.29 28.57
N VAL B 34 -8.52 -31.59 27.30
CA VAL B 34 -9.52 -32.58 26.95
C VAL B 34 -8.90 -33.62 26.04
N GLN B 35 -9.58 -34.75 25.94
CA GLN B 35 -9.26 -35.88 25.06
C GLN B 35 -9.87 -35.66 23.69
N PRO B 36 -9.36 -36.32 22.65
CA PRO B 36 -10.03 -36.29 21.34
C PRO B 36 -11.40 -36.95 21.41
N GLY B 37 -12.40 -36.27 20.85
CA GLY B 37 -13.77 -36.67 21.01
C GLY B 37 -14.41 -36.22 22.30
N GLY B 38 -13.73 -35.40 23.10
CA GLY B 38 -14.24 -34.94 24.37
C GLY B 38 -15.13 -33.72 24.23
N SER B 39 -15.44 -33.14 25.39
CA SER B 39 -16.34 -31.99 25.43
C SER B 39 -15.90 -31.03 26.54
N LEU B 40 -16.00 -29.73 26.24
CA LEU B 40 -15.73 -28.70 27.23
C LEU B 40 -16.45 -27.43 26.79
N ARG B 41 -16.80 -26.60 27.77
CA ARG B 41 -17.52 -25.36 27.53
C ARG B 41 -16.64 -24.20 27.97
N LEU B 42 -16.39 -23.26 27.06
CA LEU B 42 -15.62 -22.07 27.37
C LEU B 42 -16.59 -20.95 27.74
N SER B 43 -16.42 -20.37 28.92
CA SER B 43 -17.35 -19.38 29.43
C SER B 43 -16.68 -18.00 29.35
N CYS B 44 -17.00 -17.25 28.31
CA CYS B 44 -16.48 -15.89 28.15
C CYS B 44 -17.36 -14.93 28.93
N ALA B 45 -16.84 -14.43 30.04
CA ALA B 45 -17.58 -13.46 30.84
C ALA B 45 -17.42 -12.06 30.25
N ALA B 46 -18.19 -11.12 30.79
CA ALA B 46 -18.15 -9.74 30.34
C ALA B 46 -18.45 -8.83 31.52
N SER B 47 -18.01 -7.57 31.40
CA SER B 47 -18.23 -6.58 32.45
C SER B 47 -18.23 -5.20 31.82
N GLY B 48 -19.00 -4.29 32.42
CA GLY B 48 -19.10 -2.93 31.95
C GLY B 48 -20.04 -2.70 30.79
N PHE B 49 -20.64 -3.76 30.26
CA PHE B 49 -21.56 -3.67 29.14
C PHE B 49 -22.44 -4.90 29.13
N ASN B 50 -23.57 -4.80 28.44
CA ASN B 50 -24.55 -5.87 28.41
C ASN B 50 -24.39 -6.71 27.14
N VAL B 51 -25.05 -7.87 27.15
CA VAL B 51 -24.94 -8.80 26.04
C VAL B 51 -25.82 -8.48 24.82
N VAL B 52 -27.03 -7.96 25.04
CA VAL B 52 -27.98 -7.74 23.95
C VAL B 52 -27.71 -6.51 23.10
N ASP B 53 -26.67 -5.73 23.42
CA ASP B 53 -26.32 -4.55 22.64
C ASP B 53 -24.96 -4.75 21.99
N PHE B 54 -24.40 -5.97 22.05
CA PHE B 54 -23.11 -6.25 21.41
C PHE B 54 -23.09 -7.71 20.99
N SER B 55 -22.76 -7.97 19.73
CA SER B 55 -22.69 -9.33 19.24
C SER B 55 -21.34 -9.94 19.60
N LEU B 56 -21.36 -11.10 20.21
CA LEU B 56 -20.15 -11.75 20.70
C LEU B 56 -19.72 -12.84 19.73
N HIS B 57 -18.43 -12.84 19.41
CA HIS B 57 -17.84 -13.75 18.44
C HIS B 57 -16.76 -14.57 19.11
N TRP B 58 -16.37 -15.67 18.48
CA TRP B 58 -15.25 -16.48 18.92
C TRP B 58 -14.24 -16.54 17.79
N VAL B 59 -13.03 -16.07 18.06
CA VAL B 59 -11.91 -16.18 17.14
C VAL B 59 -10.84 -17.00 17.84
N ARG B 60 -10.37 -18.05 17.18
CA ARG B 60 -9.36 -18.92 17.77
C ARG B 60 -8.04 -18.76 17.04
N GLN B 61 -6.97 -19.06 17.75
CA GLN B 61 -5.61 -18.98 17.22
C GLN B 61 -4.85 -20.22 17.64
N ALA B 62 -4.53 -21.07 16.68
CA ALA B 62 -3.69 -22.22 16.93
C ALA B 62 -2.28 -21.75 17.27
N PRO B 63 -1.53 -22.53 18.06
CA PRO B 63 -0.14 -22.16 18.37
C PRO B 63 0.73 -22.13 17.11
N GLY B 64 1.28 -20.96 16.82
CA GLY B 64 2.07 -20.75 15.63
C GLY B 64 1.27 -20.39 14.39
N LYS B 65 -0.03 -20.18 14.51
CA LYS B 65 -0.89 -19.88 13.37
C LYS B 65 -1.57 -18.52 13.58
N GLY B 66 -2.36 -18.12 12.59
CA GLY B 66 -3.05 -16.85 12.62
C GLY B 66 -4.44 -16.96 13.24
N LEU B 67 -5.17 -15.84 13.16
CA LEU B 67 -6.50 -15.77 13.73
C LEU B 67 -7.52 -16.39 12.77
N GLU B 68 -8.41 -17.21 13.32
CA GLU B 68 -9.46 -17.86 12.54
C GLU B 68 -10.80 -17.66 13.23
N TRP B 69 -11.77 -17.14 12.49
CA TRP B 69 -13.12 -16.96 13.02
C TRP B 69 -13.79 -18.32 13.18
N VAL B 70 -14.53 -18.47 14.28
CA VAL B 70 -15.16 -19.75 14.63
C VAL B 70 -16.68 -19.65 14.58
N ALA B 71 -17.27 -18.79 15.40
CA ALA B 71 -18.71 -18.73 15.55
C ALA B 71 -19.09 -17.36 16.08
N TYR B 72 -20.38 -17.04 16.00
CA TYR B 72 -20.90 -15.83 16.62
C TYR B 72 -22.31 -16.07 17.09
N ILE B 73 -22.73 -15.23 18.04
CA ILE B 73 -24.10 -15.20 18.53
C ILE B 73 -24.53 -13.74 18.62
N SER B 74 -25.80 -13.49 18.29
CA SER B 74 -26.44 -12.20 18.54
C SER B 74 -27.63 -12.50 19.42
N SER B 75 -27.43 -12.44 20.75
CA SER B 75 -28.41 -12.90 21.71
C SER B 75 -29.64 -11.98 21.81
N SER B 76 -29.60 -10.80 21.19
CA SER B 76 -30.79 -9.97 21.10
C SER B 76 -31.85 -10.64 20.24
N SER B 77 -31.44 -11.34 19.20
CA SER B 77 -32.35 -12.07 18.32
C SER B 77 -32.10 -13.56 18.30
N GLY B 78 -30.83 -13.97 18.18
CA GLY B 78 -30.47 -15.37 18.05
C GLY B 78 -30.17 -15.68 16.59
N SER B 79 -28.89 -15.62 16.23
CA SER B 79 -28.46 -15.79 14.84
C SER B 79 -27.16 -16.58 14.80
N THR B 80 -27.12 -17.70 15.51
CA THR B 80 -25.89 -18.48 15.71
C THR B 80 -25.40 -19.05 14.39
N SER B 81 -24.31 -18.49 13.87
CA SER B 81 -23.63 -19.04 12.71
C SER B 81 -22.25 -19.55 13.11
N TYR B 82 -21.71 -20.43 12.28
CA TYR B 82 -20.48 -21.12 12.59
C TYR B 82 -19.58 -21.14 11.36
N ALA B 83 -18.30 -21.37 11.59
CA ALA B 83 -17.41 -21.72 10.50
C ALA B 83 -17.70 -23.15 10.04
N ASP B 84 -17.30 -23.46 8.81
CA ASP B 84 -17.60 -24.77 8.24
C ASP B 84 -16.77 -25.88 8.87
N SER B 85 -15.66 -25.55 9.52
CA SER B 85 -14.86 -26.56 10.21
C SER B 85 -15.41 -26.91 11.58
N VAL B 86 -16.32 -26.10 12.13
CA VAL B 86 -16.88 -26.31 13.46
C VAL B 86 -18.38 -26.50 13.42
N LYS B 87 -18.98 -26.60 12.23
CA LYS B 87 -20.43 -26.65 12.12
C LYS B 87 -20.96 -28.00 12.57
N GLY B 88 -21.97 -27.98 13.43
CA GLY B 88 -22.53 -29.19 14.01
C GLY B 88 -21.89 -29.59 15.31
N ARG B 89 -20.56 -29.59 15.36
CA ARG B 89 -19.86 -29.95 16.58
C ARG B 89 -19.94 -28.85 17.63
N PHE B 90 -19.83 -27.60 17.20
CA PHE B 90 -19.79 -26.47 18.12
C PHE B 90 -21.19 -25.94 18.36
N THR B 91 -21.39 -25.30 19.51
CA THR B 91 -22.66 -24.66 19.82
C THR B 91 -22.40 -23.47 20.71
N ILE B 92 -22.64 -22.27 20.20
CA ILE B 92 -22.44 -21.04 20.95
C ILE B 92 -23.74 -20.67 21.65
N SER B 93 -23.63 -20.14 22.87
CA SER B 93 -24.79 -19.71 23.62
C SER B 93 -24.38 -18.56 24.53
N ALA B 94 -25.39 -17.86 25.05
CA ALA B 94 -25.15 -16.73 25.94
C ALA B 94 -26.40 -16.52 26.78
N ASP B 95 -26.24 -15.81 27.90
CA ASP B 95 -27.36 -15.41 28.73
C ASP B 95 -27.03 -14.01 29.23
N THR B 96 -28.08 -13.20 29.42
CA THR B 96 -27.92 -11.81 29.81
C THR B 96 -28.08 -11.57 31.33
N SER B 97 -28.57 -12.58 32.04
CA SER B 97 -28.74 -12.46 33.49
C SER B 97 -27.33 -12.50 34.08
N LYS B 98 -26.47 -13.39 33.58
CA LYS B 98 -25.10 -13.48 34.04
C LYS B 98 -24.13 -12.68 33.20
N ASN B 99 -24.57 -12.19 32.03
CA ASN B 99 -23.80 -11.36 31.10
C ASN B 99 -22.52 -12.06 30.63
N THR B 100 -22.64 -13.37 30.39
CA THR B 100 -21.53 -14.15 29.85
C THR B 100 -21.96 -14.79 28.53
N ALA B 101 -20.98 -15.37 27.86
CA ALA B 101 -21.20 -16.19 26.67
C ALA B 101 -20.60 -17.57 26.88
N TYR B 102 -21.07 -18.54 26.10
CA TYR B 102 -20.62 -19.91 26.22
C TYR B 102 -20.35 -20.48 24.84
N LEU B 103 -19.41 -21.43 24.78
CA LEU B 103 -19.13 -22.17 23.56
C LEU B 103 -19.01 -23.64 23.91
N GLN B 104 -20.01 -24.43 23.53
CA GLN B 104 -20.00 -25.87 23.77
C GLN B 104 -19.39 -26.56 22.56
N MET B 105 -18.29 -27.26 22.77
CA MET B 105 -17.54 -27.93 21.70
C MET B 105 -17.56 -29.42 21.96
N ASN B 106 -17.93 -30.20 20.94
CA ASN B 106 -18.02 -31.65 21.03
C ASN B 106 -17.22 -32.27 19.90
N SER B 107 -16.82 -33.53 20.11
CA SER B 107 -16.13 -34.36 19.11
C SER B 107 -14.84 -33.70 18.61
N LEU B 108 -14.04 -33.23 19.56
CA LEU B 108 -12.87 -32.42 19.23
C LEU B 108 -11.75 -33.28 18.64
N ARG B 109 -11.00 -32.70 17.72
CA ARG B 109 -9.83 -33.31 17.12
C ARG B 109 -8.58 -32.54 17.54
N ALA B 110 -7.44 -32.94 16.98
CA ALA B 110 -6.19 -32.26 17.27
C ALA B 110 -6.12 -30.87 16.64
N GLU B 111 -6.89 -30.63 15.58
CA GLU B 111 -6.89 -29.33 14.92
C GLU B 111 -7.63 -28.25 15.71
N ASP B 112 -8.37 -28.62 16.75
CA ASP B 112 -9.06 -27.66 17.59
C ASP B 112 -8.21 -27.17 18.76
N THR B 113 -6.95 -27.61 18.84
CA THR B 113 -6.03 -27.10 19.85
C THR B 113 -5.61 -25.69 19.48
N ALA B 114 -6.05 -24.71 20.26
CA ALA B 114 -5.88 -23.31 19.92
C ALA B 114 -6.03 -22.46 21.17
N VAL B 115 -5.77 -21.17 21.03
CA VAL B 115 -6.12 -20.18 22.04
C VAL B 115 -7.40 -19.49 21.56
N TYR B 116 -8.44 -19.56 22.37
CA TYR B 116 -9.77 -19.12 21.96
C TYR B 116 -10.04 -17.74 22.56
N TYR B 117 -10.27 -16.76 21.67
CA TYR B 117 -10.58 -15.40 22.07
C TYR B 117 -12.06 -15.13 21.86
N CYS B 118 -12.66 -14.35 22.75
CA CYS B 118 -14.00 -13.82 22.55
C CYS B 118 -13.91 -12.31 22.37
N ALA B 119 -14.57 -11.80 21.35
CA ALA B 119 -14.52 -10.40 21.00
C ALA B 119 -15.92 -9.87 20.78
N ARG B 120 -16.13 -8.60 21.13
CA ARG B 120 -17.43 -7.98 20.98
C ARG B 120 -17.45 -7.08 19.75
N TRP B 121 -18.61 -6.98 19.13
CA TRP B 121 -18.79 -6.23 17.89
C TRP B 121 -20.23 -5.74 17.84
N GLY B 122 -20.40 -4.44 17.61
CA GLY B 122 -21.70 -3.81 17.73
C GLY B 122 -22.62 -4.12 16.57
N TYR B 123 -23.86 -3.68 16.74
CA TYR B 123 -24.93 -3.99 15.81
C TYR B 123 -25.09 -2.88 14.77
N TRP B 124 -25.46 -3.28 13.56
CA TRP B 124 -25.77 -2.33 12.50
C TRP B 124 -27.04 -1.57 12.85
N PRO B 125 -27.08 -0.25 12.58
CA PRO B 125 -26.08 0.61 11.96
C PRO B 125 -25.31 1.49 12.93
N GLY B 126 -24.44 2.32 12.39
CA GLY B 126 -23.73 3.30 13.17
C GLY B 126 -22.26 2.94 13.32
N GLU B 127 -21.59 3.71 14.16
CA GLU B 127 -20.17 3.46 14.46
C GLU B 127 -19.81 2.11 15.07
N PRO B 128 -20.51 1.55 16.08
CA PRO B 128 -19.98 0.33 16.72
C PRO B 128 -19.99 -0.91 15.86
N TRP B 129 -20.73 -0.91 14.75
CA TRP B 129 -20.54 -1.97 13.77
C TRP B 129 -19.19 -1.85 13.07
N TRP B 130 -18.76 -0.63 12.79
CA TRP B 130 -17.51 -0.42 12.08
C TRP B 130 -16.28 -0.70 12.95
N LYS B 131 -16.43 -0.64 14.27
CA LYS B 131 -15.37 -1.04 15.20
C LYS B 131 -15.46 -2.56 15.39
N ALA B 132 -14.93 -3.29 14.41
CA ALA B 132 -14.99 -4.74 14.44
C ALA B 132 -13.95 -5.28 15.41
N PHE B 133 -14.43 -5.96 16.45
CA PHE B 133 -13.61 -6.59 17.49
C PHE B 133 -12.71 -5.55 18.17
N ASP B 134 -13.35 -4.55 18.77
CA ASP B 134 -12.61 -3.46 19.39
C ASP B 134 -12.03 -3.87 20.74
N TYR B 135 -12.76 -4.67 21.51
CA TYR B 135 -12.26 -5.21 22.77
C TYR B 135 -12.20 -6.73 22.66
N TRP B 136 -11.07 -7.30 23.05
CA TRP B 136 -10.87 -8.74 23.04
C TRP B 136 -10.69 -9.23 24.47
N GLY B 137 -10.98 -10.51 24.68
CA GLY B 137 -10.60 -11.17 25.90
C GLY B 137 -9.19 -11.72 25.78
N GLN B 138 -8.58 -11.99 26.93
CA GLN B 138 -7.18 -12.42 26.95
C GLN B 138 -6.98 -13.84 26.43
N GLY B 139 -8.03 -14.63 26.37
CA GLY B 139 -7.97 -15.95 25.77
C GLY B 139 -7.81 -17.10 26.77
N THR B 140 -8.27 -18.27 26.35
CA THR B 140 -8.06 -19.52 27.06
C THR B 140 -7.50 -20.55 26.10
N LEU B 141 -6.54 -21.33 26.58
CA LEU B 141 -5.92 -22.35 25.75
C LEU B 141 -6.65 -23.68 25.93
N VAL B 142 -7.03 -24.30 24.82
CA VAL B 142 -7.65 -25.60 24.81
C VAL B 142 -6.65 -26.56 24.17
N THR B 143 -6.29 -27.60 24.90
CA THR B 143 -5.33 -28.60 24.43
C THR B 143 -6.09 -29.92 24.28
N VAL B 144 -6.24 -30.38 23.04
CA VAL B 144 -6.92 -31.63 22.74
C VAL B 144 -5.86 -32.64 22.38
N SER B 145 -5.64 -33.62 23.25
CA SER B 145 -4.60 -34.61 23.05
C SER B 145 -4.92 -35.85 23.86
N SER B 146 -4.52 -37.00 23.34
CA SER B 146 -4.81 -38.29 23.95
C SER B 146 -3.71 -38.76 24.89
N ALA B 147 -2.67 -37.96 25.09
CA ALA B 147 -1.55 -38.35 25.93
C ALA B 147 -1.85 -37.94 27.37
N SER B 148 -1.26 -38.68 28.30
CA SER B 148 -1.40 -38.39 29.72
C SER B 148 -0.11 -37.78 30.25
N THR B 149 -0.23 -37.08 31.38
CA THR B 149 0.89 -36.32 31.93
C THR B 149 2.07 -37.18 32.38
N LYS B 150 3.25 -36.86 31.87
CA LYS B 150 4.50 -37.46 32.29
C LYS B 150 5.66 -36.53 32.52
N GLY B 151 6.59 -36.95 33.38
CA GLY B 151 7.71 -36.11 33.75
C GLY B 151 8.69 -36.16 32.60
N PRO B 152 9.51 -35.11 32.45
CA PRO B 152 10.49 -35.09 31.37
C PRO B 152 11.69 -35.96 31.66
N SER B 153 12.34 -36.39 30.59
CA SER B 153 13.59 -37.15 30.66
C SER B 153 14.71 -36.21 30.21
N VAL B 154 15.43 -35.65 31.18
CA VAL B 154 16.44 -34.64 30.89
C VAL B 154 17.75 -35.33 30.53
N PHE B 155 18.34 -34.91 29.40
CA PHE B 155 19.60 -35.44 28.93
C PHE B 155 20.54 -34.30 28.59
N PRO B 156 21.81 -34.40 28.97
CA PRO B 156 22.75 -33.30 28.69
C PRO B 156 23.22 -33.30 27.25
N LEU B 157 23.59 -32.11 26.78
CA LEU B 157 24.20 -31.91 25.47
C LEU B 157 25.66 -31.56 25.72
N ALA B 158 26.50 -32.58 25.79
CA ALA B 158 27.91 -32.40 26.15
C ALA B 158 28.70 -31.89 24.95
N PRO B 159 29.48 -30.82 25.12
CA PRO B 159 30.29 -30.31 24.01
C PRO B 159 31.50 -31.18 23.76
N SER B 160 32.00 -31.10 22.53
CA SER B 160 33.18 -31.87 22.13
C SER B 160 34.45 -31.08 22.40
N SER B 161 35.56 -31.82 22.55
CA SER B 161 36.85 -31.18 22.77
C SER B 161 37.36 -30.46 21.53
N LYS B 162 37.09 -31.01 20.34
CA LYS B 162 37.48 -30.38 19.10
C LYS B 162 36.51 -29.30 18.64
N SER B 163 35.40 -29.11 19.34
CA SER B 163 34.40 -28.11 18.97
C SER B 163 34.78 -26.80 19.64
N THR B 164 35.34 -25.88 18.84
CA THR B 164 35.74 -24.52 19.24
C THR B 164 36.71 -24.55 20.43
N SER B 165 37.87 -25.15 20.20
CA SER B 165 38.88 -25.27 21.24
C SER B 165 39.60 -23.93 21.43
N GLY B 166 39.66 -23.47 22.67
CA GLY B 166 40.32 -22.23 23.00
C GLY B 166 39.50 -20.97 22.78
N GLY B 167 38.26 -21.10 22.30
CA GLY B 167 37.42 -19.95 22.03
C GLY B 167 36.19 -19.87 22.91
N THR B 168 35.04 -20.19 22.34
CA THR B 168 33.77 -20.11 23.04
C THR B 168 32.94 -21.34 22.68
N ALA B 169 32.49 -22.09 23.68
CA ALA B 169 31.81 -23.35 23.48
C ALA B 169 30.36 -23.28 23.93
N ALA B 170 29.52 -24.12 23.34
CA ALA B 170 28.08 -24.13 23.71
C ALA B 170 27.73 -25.49 24.34
N LEU B 171 27.00 -25.49 25.45
CA LEU B 171 26.57 -26.75 26.10
C LEU B 171 25.15 -26.55 26.65
N GLY B 172 24.41 -27.64 26.85
CA GLY B 172 23.02 -27.49 27.30
C GLY B 172 22.41 -28.81 27.74
N CYS B 173 21.09 -28.81 27.98
CA CYS B 173 20.39 -30.02 28.38
C CYS B 173 19.13 -30.17 27.54
N LEU B 174 18.85 -31.41 27.14
CA LEU B 174 17.68 -31.71 26.32
C LEU B 174 16.54 -32.16 27.20
N VAL B 175 15.42 -31.42 27.14
CA VAL B 175 14.23 -31.74 27.92
C VAL B 175 13.28 -32.48 26.99
N LYS B 176 13.07 -33.77 27.26
CA LYS B 176 12.38 -34.64 26.32
C LYS B 176 11.22 -35.38 26.98
N ASP B 177 10.15 -35.57 26.21
CA ASP B 177 9.03 -36.47 26.50
C ASP B 177 8.30 -36.09 27.80
N TYR B 178 7.78 -34.87 27.79
CA TYR B 178 6.89 -34.39 28.84
C TYR B 178 5.60 -33.91 28.18
N PHE B 179 4.47 -34.33 28.74
CA PHE B 179 3.21 -33.97 28.13
C PHE B 179 2.71 -32.56 28.48
N PRO B 180 2.61 -32.11 29.74
CA PRO B 180 2.14 -30.74 29.96
C PRO B 180 3.24 -29.73 29.66
N GLU B 181 2.94 -28.81 28.74
CA GLU B 181 3.88 -27.87 28.13
C GLU B 181 4.70 -26.96 29.05
N PRO B 182 4.17 -26.35 30.13
CA PRO B 182 5.03 -25.44 30.93
C PRO B 182 6.13 -26.18 31.69
N VAL B 183 7.37 -26.00 31.23
CA VAL B 183 8.54 -26.46 31.94
C VAL B 183 9.49 -25.27 32.09
N THR B 184 10.18 -25.19 33.23
CA THR B 184 11.07 -24.07 33.47
C THR B 184 12.50 -24.55 33.62
N VAL B 185 13.39 -23.98 32.81
CA VAL B 185 14.80 -24.35 32.82
C VAL B 185 15.63 -23.14 33.23
N SER B 186 16.40 -23.30 34.30
CA SER B 186 17.32 -22.28 34.78
C SER B 186 18.72 -22.86 34.83
N TRP B 187 19.71 -21.98 34.77
CA TRP B 187 21.11 -22.38 34.71
C TRP B 187 21.85 -21.90 35.96
N ASN B 188 22.52 -22.85 36.62
CA ASN B 188 23.26 -22.62 37.89
C ASN B 188 22.36 -22.01 38.96
N SER B 189 21.14 -22.54 39.07
CA SER B 189 20.10 -22.08 40.01
C SER B 189 19.79 -20.59 39.85
N GLY B 190 19.74 -20.14 38.59
CA GLY B 190 19.43 -18.75 38.31
C GLY B 190 20.60 -17.80 38.36
N ALA B 191 21.82 -18.29 38.54
CA ALA B 191 23.00 -17.44 38.61
C ALA B 191 23.68 -17.26 37.26
N LEU B 192 23.17 -17.88 36.20
CA LEU B 192 23.74 -17.76 34.86
C LEU B 192 22.66 -17.24 33.93
N THR B 193 22.92 -16.11 33.27
CA THR B 193 21.91 -15.43 32.49
C THR B 193 22.43 -15.03 31.11
N SER B 194 23.74 -14.88 30.98
CA SER B 194 24.32 -14.41 29.74
C SER B 194 24.40 -15.57 28.74
N GLY B 195 23.84 -15.35 27.56
CA GLY B 195 23.92 -16.30 26.46
C GLY B 195 23.14 -17.60 26.61
N VAL B 196 21.96 -17.55 27.22
CA VAL B 196 21.11 -18.73 27.36
C VAL B 196 19.99 -18.66 26.34
N HIS B 197 19.79 -19.73 25.59
CA HIS B 197 18.72 -19.84 24.60
C HIS B 197 17.85 -21.02 24.97
N THR B 198 16.72 -20.75 25.64
CA THR B 198 15.72 -21.78 25.92
C THR B 198 14.71 -21.77 24.77
N PHE B 199 14.76 -22.81 23.95
CA PHE B 199 13.95 -22.85 22.75
C PHE B 199 12.49 -23.17 23.10
N PRO B 200 11.53 -22.70 22.29
CA PRO B 200 10.14 -23.08 22.51
C PRO B 200 9.90 -24.56 22.26
N ALA B 201 8.96 -25.12 23.02
CA ALA B 201 8.67 -26.53 22.91
C ALA B 201 7.91 -26.85 21.62
N VAL B 202 8.24 -27.99 21.02
CA VAL B 202 7.56 -28.48 19.83
C VAL B 202 6.78 -29.73 20.19
N LEU B 203 5.71 -29.98 19.46
CA LEU B 203 4.90 -31.17 19.68
C LEU B 203 5.41 -32.31 18.79
N GLN B 204 5.75 -33.42 19.42
CA GLN B 204 6.25 -34.58 18.69
C GLN B 204 5.07 -35.35 18.07
N SER B 205 5.40 -36.35 17.26
CA SER B 205 4.36 -37.17 16.64
C SER B 205 3.68 -38.10 17.64
N SER B 206 4.30 -38.34 18.80
CA SER B 206 3.73 -39.17 19.85
C SER B 206 2.83 -38.41 20.80
N GLY B 207 2.65 -37.11 20.59
CA GLY B 207 1.80 -36.31 21.46
C GLY B 207 2.49 -35.65 22.63
N LEU B 208 3.78 -35.90 22.82
CA LEU B 208 4.54 -35.31 23.91
C LEU B 208 5.35 -34.11 23.40
N TYR B 209 5.89 -33.35 24.34
CA TYR B 209 6.62 -32.12 24.03
C TYR B 209 8.11 -32.30 24.32
N SER B 210 8.93 -31.65 23.50
CA SER B 210 10.37 -31.69 23.65
C SER B 210 10.91 -30.27 23.67
N LEU B 211 11.95 -30.04 24.47
CA LEU B 211 12.52 -28.71 24.65
C LEU B 211 14.04 -28.81 24.70
N SER B 212 14.70 -27.81 24.12
CA SER B 212 16.14 -27.68 24.22
C SER B 212 16.48 -26.34 24.86
N SER B 213 17.47 -26.35 25.75
CA SER B 213 17.91 -25.13 26.45
C SER B 213 19.44 -25.17 26.49
N VAL B 214 20.07 -24.49 25.55
CA VAL B 214 21.51 -24.45 25.44
C VAL B 214 22.03 -23.15 26.01
N VAL B 215 23.30 -23.15 26.40
CA VAL B 215 23.97 -21.94 26.88
C VAL B 215 25.35 -21.90 26.23
N THR B 216 25.92 -20.70 26.17
CA THR B 216 27.23 -20.50 25.57
C THR B 216 28.19 -19.92 26.60
N VAL B 217 29.40 -20.46 26.63
CA VAL B 217 30.40 -20.12 27.64
C VAL B 217 31.78 -20.09 26.98
N PRO B 218 32.72 -19.36 27.57
CA PRO B 218 34.12 -19.46 27.12
C PRO B 218 34.67 -20.87 27.28
N SER B 219 35.49 -21.28 26.30
CA SER B 219 36.04 -22.63 26.32
C SER B 219 37.11 -22.81 27.38
N SER B 220 37.71 -21.72 27.87
CA SER B 220 38.65 -21.82 28.97
C SER B 220 37.95 -22.11 30.31
N SER B 221 36.65 -21.82 30.39
CA SER B 221 35.87 -22.10 31.59
C SER B 221 35.18 -23.45 31.55
N LEU B 222 35.56 -24.32 30.62
CA LEU B 222 35.00 -25.67 30.58
C LEU B 222 35.43 -26.48 31.80
N GLY B 223 36.68 -26.32 32.22
CA GLY B 223 37.16 -26.94 33.43
C GLY B 223 37.11 -25.99 34.62
N THR B 224 37.10 -26.58 35.82
CA THR B 224 37.01 -25.88 37.10
C THR B 224 35.81 -24.94 37.18
N GLN B 225 34.68 -25.40 36.63
CA GLN B 225 33.44 -24.62 36.66
C GLN B 225 32.28 -25.58 36.50
N THR B 226 31.33 -25.51 37.42
CA THR B 226 30.17 -26.40 37.43
C THR B 226 29.00 -25.72 36.72
N TYR B 227 28.50 -26.36 35.67
CA TYR B 227 27.34 -25.88 34.92
C TYR B 227 26.15 -26.74 35.30
N ILE B 228 25.16 -26.13 35.94
CA ILE B 228 24.02 -26.84 36.53
C ILE B 228 22.79 -26.52 35.70
N CYS B 229 22.15 -27.57 35.18
CA CYS B 229 20.90 -27.44 34.44
C CYS B 229 19.75 -27.82 35.36
N ASN B 230 18.84 -26.86 35.59
CA ASN B 230 17.76 -26.99 36.56
C ASN B 230 16.43 -27.06 35.82
N VAL B 231 15.97 -28.27 35.53
CA VAL B 231 14.69 -28.48 34.85
C VAL B 231 13.62 -28.67 35.90
N ASN B 232 12.61 -27.80 35.88
CA ASN B 232 11.51 -27.84 36.83
C ASN B 232 10.20 -28.01 36.07
N HIS B 233 9.50 -29.11 36.33
CA HIS B 233 8.21 -29.40 35.72
C HIS B 233 7.18 -29.50 36.83
N LYS B 234 6.17 -28.64 36.77
CA LYS B 234 5.17 -28.51 37.83
C LYS B 234 4.06 -29.58 37.86
N PRO B 235 3.37 -29.95 36.76
CA PRO B 235 2.26 -30.90 36.90
C PRO B 235 2.69 -32.33 37.24
N SER B 236 3.95 -32.70 37.00
CA SER B 236 4.44 -34.01 37.40
C SER B 236 5.41 -33.94 38.56
N ASN B 237 5.53 -32.76 39.20
CA ASN B 237 6.48 -32.40 40.27
C ASN B 237 7.87 -32.96 40.05
N THR B 238 8.40 -32.73 38.85
CA THR B 238 9.69 -33.26 38.43
C THR B 238 10.73 -32.16 38.47
N LYS B 239 11.84 -32.42 39.18
CA LYS B 239 12.86 -31.41 39.44
C LYS B 239 14.25 -31.98 39.20
N VAL B 240 14.46 -32.55 38.00
CA VAL B 240 15.74 -33.13 37.64
C VAL B 240 16.82 -32.07 37.60
N ASP B 241 17.98 -32.37 38.19
CA ASP B 241 19.13 -31.48 38.25
C ASP B 241 20.29 -32.19 37.55
N LYS B 242 20.38 -32.01 36.23
CA LYS B 242 21.37 -32.70 35.43
C LYS B 242 22.69 -31.94 35.42
N LYS B 243 23.75 -32.66 35.06
CA LYS B 243 25.10 -32.11 34.97
C LYS B 243 25.56 -32.15 33.52
N VAL B 244 26.01 -31.01 33.01
CA VAL B 244 26.54 -30.91 31.66
C VAL B 244 28.04 -30.68 31.77
N GLU B 245 28.83 -31.67 31.35
CA GLU B 245 30.28 -31.60 31.41
C GLU B 245 30.85 -32.16 30.12
N PRO B 246 32.02 -31.69 29.70
CA PRO B 246 32.66 -32.27 28.51
C PRO B 246 33.15 -33.68 28.77
N LYS B 247 33.20 -34.47 27.69
CA LYS B 247 33.63 -35.86 27.79
C LYS B 247 35.15 -35.98 27.64
N GLN C 21 23.26 -23.55 -16.19
CA GLN C 21 22.97 -22.91 -17.47
C GLN C 21 22.69 -21.43 -17.30
N VAL C 22 22.77 -20.95 -16.06
CA VAL C 22 22.57 -19.55 -15.72
C VAL C 22 23.89 -18.99 -15.22
N GLN C 23 24.37 -17.92 -15.86
CA GLN C 23 25.63 -17.30 -15.50
C GLN C 23 25.40 -15.82 -15.25
N LEU C 24 26.29 -15.24 -14.45
CA LEU C 24 26.18 -13.84 -14.04
C LEU C 24 27.43 -13.09 -14.48
N GLN C 25 27.25 -11.81 -14.80
CA GLN C 25 28.33 -10.93 -15.21
C GLN C 25 28.44 -9.76 -14.24
N GLU C 26 29.47 -8.95 -14.43
CA GLU C 26 29.77 -7.86 -13.50
C GLU C 26 30.58 -6.80 -14.22
N SER C 27 30.74 -5.66 -13.57
CA SER C 27 31.55 -4.56 -14.07
C SER C 27 32.10 -3.79 -12.89
N GLY C 28 32.58 -2.57 -13.13
CA GLY C 28 33.09 -1.73 -12.08
C GLY C 28 34.53 -2.04 -11.70
N GLY C 29 34.99 -1.35 -10.66
CA GLY C 29 36.34 -1.51 -10.16
C GLY C 29 37.19 -0.28 -10.44
N GLY C 30 38.44 -0.35 -9.97
CA GLY C 30 39.40 0.71 -10.14
C GLY C 30 40.04 1.11 -8.82
N LEU C 31 41.05 1.97 -8.94
CA LEU C 31 41.80 2.46 -7.79
C LEU C 31 41.10 3.70 -7.23
N VAL C 32 40.80 3.68 -5.93
CA VAL C 32 40.07 4.74 -5.27
C VAL C 32 40.91 5.24 -4.10
N GLN C 33 40.93 6.56 -3.91
CA GLN C 33 41.51 7.15 -2.71
C GLN C 33 40.64 6.86 -1.49
N PRO C 34 41.19 6.95 -0.28
CA PRO C 34 40.36 6.87 0.93
C PRO C 34 39.30 7.97 0.98
N GLY C 35 38.09 7.58 1.36
CA GLY C 35 36.97 8.50 1.36
C GLY C 35 36.27 8.66 0.02
N GLY C 36 36.54 7.80 -0.94
CA GLY C 36 35.99 7.92 -2.28
C GLY C 36 34.69 7.18 -2.48
N SER C 37 34.45 6.74 -3.71
CA SER C 37 33.21 6.07 -4.05
C SER C 37 33.43 5.19 -5.28
N LEU C 38 32.51 4.26 -5.49
CA LEU C 38 32.49 3.37 -6.64
C LEU C 38 31.11 2.73 -6.69
N ARG C 39 30.71 2.31 -7.88
CA ARG C 39 29.46 1.59 -8.09
C ARG C 39 29.73 0.36 -8.93
N LEU C 40 29.21 -0.80 -8.49
CA LEU C 40 29.34 -2.03 -9.24
C LEU C 40 28.09 -2.24 -10.10
N SER C 41 28.00 -3.41 -10.73
CA SER C 41 26.85 -3.83 -11.50
C SER C 41 26.86 -5.35 -11.57
N CYS C 42 25.68 -5.94 -11.70
CA CYS C 42 25.55 -7.40 -11.77
C CYS C 42 24.27 -7.74 -12.53
N ALA C 43 24.42 -8.08 -13.80
CA ALA C 43 23.30 -8.47 -14.65
C ALA C 43 23.16 -9.99 -14.67
N ALA C 44 21.95 -10.44 -14.96
CA ALA C 44 21.63 -11.86 -15.00
C ALA C 44 21.15 -12.24 -16.39
N SER C 45 21.66 -13.37 -16.89
CA SER C 45 21.32 -13.86 -18.22
C SER C 45 20.63 -15.21 -18.10
N GLY C 46 19.50 -15.36 -18.79
CA GLY C 46 18.76 -16.61 -18.76
C GLY C 46 17.95 -16.84 -17.50
N ARG C 47 17.70 -15.79 -16.71
CA ARG C 47 16.95 -15.92 -15.48
C ARG C 47 16.28 -14.60 -15.15
N THR C 48 15.16 -14.69 -14.45
CA THR C 48 14.44 -13.50 -13.97
C THR C 48 14.67 -13.34 -12.48
N ILE C 49 15.07 -12.13 -12.09
CA ILE C 49 15.41 -11.86 -10.69
C ILE C 49 14.22 -11.20 -10.01
N SER C 50 13.03 -11.33 -10.63
CA SER C 50 11.84 -10.72 -10.07
C SER C 50 11.41 -11.41 -8.77
N ARG C 51 11.47 -12.74 -8.74
CA ARG C 51 11.06 -13.52 -7.59
C ARG C 51 12.23 -14.18 -6.86
N TYR C 52 13.39 -13.55 -6.87
CA TYR C 52 14.61 -14.11 -6.30
C TYR C 52 15.27 -13.07 -5.40
N ALA C 53 16.46 -13.42 -4.90
CA ALA C 53 17.24 -12.55 -4.02
C ALA C 53 18.69 -12.53 -4.47
N MET C 54 19.28 -11.33 -4.50
CA MET C 54 20.63 -11.11 -4.98
C MET C 54 21.53 -10.84 -3.77
N SER C 55 22.78 -11.29 -3.86
CA SER C 55 23.74 -11.12 -2.79
C SER C 55 25.06 -10.60 -3.34
N TRP C 56 25.85 -9.97 -2.47
CA TRP C 56 27.20 -9.53 -2.78
C TRP C 56 28.17 -10.08 -1.75
N PHE C 57 29.35 -10.49 -2.20
CA PHE C 57 30.33 -11.17 -1.36
C PHE C 57 31.73 -10.66 -1.65
N ARG C 58 32.53 -10.51 -0.59
CA ARG C 58 33.91 -10.08 -0.66
C ARG C 58 34.86 -11.27 -0.58
N GLN C 59 36.12 -11.05 -0.98
CA GLN C 59 37.16 -12.07 -0.80
C GLN C 59 38.49 -11.34 -0.63
N ALA C 60 38.85 -11.07 0.62
CA ALA C 60 40.07 -10.34 0.94
C ALA C 60 41.25 -11.29 1.04
N PRO C 61 42.48 -10.79 0.85
CA PRO C 61 43.66 -11.61 1.15
C PRO C 61 43.83 -11.83 2.66
N GLY C 62 43.58 -13.05 3.12
CA GLY C 62 43.66 -13.37 4.53
C GLY C 62 42.34 -13.86 5.09
N LYS C 63 41.25 -13.21 4.70
CA LYS C 63 39.90 -13.65 5.06
C LYS C 63 39.06 -13.71 3.80
N GLU C 64 38.55 -14.90 3.49
CA GLU C 64 37.93 -15.17 2.20
C GLU C 64 36.46 -15.47 2.36
N ARG C 65 35.69 -15.09 1.32
CA ARG C 65 34.25 -15.35 1.19
C ARG C 65 33.46 -14.73 2.35
N GLU C 66 33.52 -13.41 2.42
CA GLU C 66 32.86 -12.64 3.47
C GLU C 66 31.58 -12.01 2.92
N PHE C 67 30.56 -11.95 3.75
CA PHE C 67 29.28 -11.36 3.33
C PHE C 67 29.39 -9.84 3.25
N VAL C 68 28.71 -9.26 2.27
CA VAL C 68 28.68 -7.81 2.10
C VAL C 68 27.24 -7.30 2.22
N ALA C 69 26.39 -7.71 1.28
CA ALA C 69 25.03 -7.18 1.24
C ALA C 69 24.13 -8.14 0.45
N VAL C 70 22.86 -8.17 0.84
CA VAL C 70 21.85 -8.96 0.17
C VAL C 70 20.76 -8.02 -0.32
N ALA C 71 20.07 -8.43 -1.38
CA ALA C 71 18.98 -7.65 -1.96
C ALA C 71 17.84 -8.61 -2.29
N ARG C 72 16.76 -8.53 -1.53
CA ARG C 72 15.63 -9.43 -1.67
C ARG C 72 14.63 -8.81 -2.65
N ARG C 73 13.41 -9.36 -2.67
CA ARG C 73 12.38 -8.92 -3.60
C ARG C 73 11.88 -7.51 -3.25
N SER C 74 11.06 -6.97 -4.15
CA SER C 74 10.52 -5.61 -3.99
C SER C 74 9.56 -5.58 -2.81
N GLY C 75 9.94 -4.84 -1.77
CA GLY C 75 9.19 -4.80 -0.53
C GLY C 75 9.69 -5.74 0.54
N ASP C 76 10.63 -6.63 0.21
CA ASP C 76 11.18 -7.57 1.18
C ASP C 76 12.44 -7.05 1.86
N GLY C 77 12.90 -5.85 1.51
CA GLY C 77 14.01 -5.23 2.21
C GLY C 77 15.37 -5.59 1.63
N ALA C 78 16.39 -4.94 2.20
CA ALA C 78 17.77 -5.18 1.87
C ALA C 78 18.60 -5.13 3.15
N PHE C 79 19.60 -6.00 3.24
CA PHE C 79 20.38 -6.16 4.46
C PHE C 79 21.86 -6.04 4.16
N TYR C 80 22.60 -5.53 5.14
CA TYR C 80 24.02 -5.23 4.99
C TYR C 80 24.81 -5.83 6.14
N ALA C 81 26.08 -6.13 5.88
CA ALA C 81 26.95 -6.72 6.87
C ALA C 81 27.40 -5.67 7.89
N ASP C 82 28.16 -6.12 8.89
CA ASP C 82 28.54 -5.25 10.00
C ASP C 82 29.59 -4.23 9.57
N SER C 83 30.54 -4.65 8.73
CA SER C 83 31.64 -3.76 8.34
C SER C 83 31.19 -2.71 7.33
N VAL C 84 30.23 -3.03 6.48
CA VAL C 84 29.83 -2.14 5.40
C VAL C 84 28.48 -1.47 5.69
N GLN C 85 28.07 -1.44 6.96
CA GLN C 85 26.79 -0.83 7.32
C GLN C 85 26.89 0.68 7.24
N GLY C 86 25.95 1.30 6.51
CA GLY C 86 25.88 2.74 6.36
C GLY C 86 26.61 3.28 5.14
N ARG C 87 27.79 2.75 4.85
CA ARG C 87 28.62 3.22 3.75
C ARG C 87 28.45 2.39 2.49
N PHE C 88 27.51 1.45 2.47
CA PHE C 88 27.21 0.65 1.29
C PHE C 88 25.72 0.75 1.00
N THR C 89 25.37 0.53 -0.26
CA THR C 89 23.97 0.55 -0.68
C THR C 89 23.79 -0.38 -1.86
N VAL C 90 22.98 -1.41 -1.70
CA VAL C 90 22.61 -2.32 -2.77
C VAL C 90 21.29 -1.84 -3.37
N SER C 91 21.12 -2.02 -4.67
CA SER C 91 19.93 -1.57 -5.37
C SER C 91 19.60 -2.72 -6.30
N ARG C 92 18.39 -2.69 -6.84
CA ARG C 92 17.90 -3.73 -7.72
C ARG C 92 17.06 -3.11 -8.81
N ASP C 93 17.14 -3.65 -10.03
CA ASP C 93 16.33 -3.20 -11.16
C ASP C 93 15.85 -4.48 -11.83
N ASP C 94 14.59 -4.83 -11.61
CA ASP C 94 14.05 -6.08 -12.13
C ASP C 94 13.79 -6.02 -13.64
N ALA C 95 13.67 -4.82 -14.22
CA ALA C 95 13.37 -4.73 -15.64
C ALA C 95 14.59 -5.09 -16.49
N LYS C 96 15.77 -4.59 -16.13
CA LYS C 96 17.00 -4.92 -16.82
C LYS C 96 17.68 -6.16 -16.26
N ASN C 97 17.12 -6.75 -15.19
CA ASN C 97 17.68 -7.90 -14.48
C ASN C 97 19.09 -7.64 -13.99
N THR C 98 19.35 -6.41 -13.56
CA THR C 98 20.67 -5.97 -13.15
C THR C 98 20.58 -5.31 -11.77
N VAL C 99 21.48 -5.69 -10.87
CA VAL C 99 21.58 -5.06 -9.56
C VAL C 99 22.91 -4.33 -9.46
N TYR C 100 22.99 -3.40 -8.51
CA TYR C 100 24.14 -2.54 -8.35
C TYR C 100 24.54 -2.51 -6.88
N LEU C 101 25.77 -2.05 -6.63
CA LEU C 101 26.27 -1.93 -5.26
C LEU C 101 27.05 -0.64 -5.16
N GLN C 102 26.49 0.34 -4.46
CA GLN C 102 27.10 1.66 -4.32
C GLN C 102 28.01 1.66 -3.09
N MET C 103 29.31 1.57 -3.31
CA MET C 103 30.29 1.68 -2.22
C MET C 103 30.64 3.15 -2.03
N ASN C 104 30.50 3.63 -0.80
CA ASN C 104 30.90 4.97 -0.42
C ASN C 104 31.83 4.88 0.78
N SER C 105 32.62 5.94 0.99
CA SER C 105 33.54 6.11 2.13
C SER C 105 34.54 4.96 2.23
N LEU C 106 35.26 4.72 1.13
CA LEU C 106 36.06 3.51 0.99
C LEU C 106 37.33 3.59 1.84
N LYS C 107 37.42 2.74 2.85
CA LYS C 107 38.63 2.54 3.61
C LYS C 107 39.55 1.60 2.84
N PRO C 108 40.86 1.54 3.12
CA PRO C 108 41.73 0.60 2.39
C PRO C 108 41.57 -0.87 2.78
N GLU C 109 40.58 -1.24 3.60
CA GLU C 109 40.31 -2.63 3.90
C GLU C 109 39.33 -3.27 2.92
N ASP C 110 38.77 -2.49 2.00
CA ASP C 110 37.75 -2.97 1.09
C ASP C 110 38.36 -3.61 -0.15
N THR C 111 39.69 -3.69 -0.24
CA THR C 111 40.33 -4.25 -1.44
C THR C 111 40.15 -5.76 -1.52
N ALA C 112 39.33 -6.20 -2.47
CA ALA C 112 38.92 -7.59 -2.58
C ALA C 112 38.31 -7.85 -3.95
N VAL C 113 38.03 -9.13 -4.23
CA VAL C 113 37.24 -9.48 -5.40
C VAL C 113 35.76 -9.56 -4.99
N TYR C 114 34.93 -8.79 -5.67
CA TYR C 114 33.53 -8.64 -5.29
C TYR C 114 32.68 -9.57 -6.15
N TYR C 115 32.10 -10.58 -5.51
CA TYR C 115 31.29 -11.58 -6.19
C TYR C 115 29.81 -11.27 -6.03
N CYS C 116 29.04 -11.70 -7.02
CA CYS C 116 27.59 -11.55 -7.05
C CYS C 116 26.97 -12.94 -7.09
N ALA C 117 26.07 -13.21 -6.15
CA ALA C 117 25.48 -14.53 -6.02
C ALA C 117 23.96 -14.41 -6.01
N ILE C 118 23.31 -15.46 -6.52
CA ILE C 118 21.86 -15.54 -6.61
C ILE C 118 21.36 -16.54 -5.57
N ASP C 119 20.31 -16.16 -4.84
CA ASP C 119 19.65 -17.09 -3.93
C ASP C 119 18.73 -17.98 -4.75
N SER C 120 19.12 -19.25 -4.90
CA SER C 120 18.37 -20.18 -5.75
C SER C 120 17.03 -20.57 -5.15
N ASP C 121 16.84 -20.40 -3.85
CA ASP C 121 15.59 -20.71 -3.19
C ASP C 121 14.86 -19.42 -2.89
N THR C 122 13.56 -19.38 -3.22
CA THR C 122 12.76 -18.18 -3.07
C THR C 122 12.36 -17.88 -1.63
N PHE C 123 12.61 -18.80 -0.70
CA PHE C 123 12.32 -18.60 0.71
C PHE C 123 13.52 -18.09 1.49
N TYR C 124 14.53 -17.55 0.79
CA TYR C 124 15.69 -16.86 1.35
C TYR C 124 16.53 -17.74 2.27
N SER C 125 16.62 -19.03 1.95
CA SER C 125 17.40 -19.94 2.78
C SER C 125 18.90 -19.77 2.59
N GLY C 126 19.32 -19.07 1.53
CA GLY C 126 20.73 -18.84 1.30
C GLY C 126 21.41 -19.92 0.50
N SER C 127 20.68 -20.49 -0.46
CA SER C 127 21.23 -21.51 -1.35
C SER C 127 21.86 -20.80 -2.54
N TYR C 128 23.17 -20.56 -2.46
CA TYR C 128 23.91 -19.86 -3.51
C TYR C 128 24.56 -20.91 -4.41
N ASP C 129 23.89 -21.21 -5.52
CA ASP C 129 24.35 -22.24 -6.45
C ASP C 129 24.97 -21.55 -7.66
N TYR C 130 24.37 -20.46 -8.12
CA TYR C 130 24.93 -19.67 -9.21
C TYR C 130 25.72 -18.43 -8.83
N TRP C 131 26.95 -18.32 -9.33
CA TRP C 131 27.84 -17.23 -8.98
C TRP C 131 28.38 -16.53 -10.22
N GLY C 132 28.92 -15.34 -10.02
CA GLY C 132 29.63 -14.61 -11.05
C GLY C 132 31.10 -14.95 -11.05
N GLN C 133 31.89 -14.05 -11.64
CA GLN C 133 33.34 -14.23 -11.69
C GLN C 133 34.10 -13.27 -10.78
N GLY C 134 33.58 -12.06 -10.57
CA GLY C 134 34.18 -11.15 -9.62
C GLY C 134 34.68 -9.84 -10.20
N THR C 135 34.82 -8.84 -9.34
CA THR C 135 35.32 -7.52 -9.71
C THR C 135 36.52 -7.20 -8.82
N GLN C 136 37.68 -7.02 -9.45
CA GLN C 136 38.92 -6.81 -8.71
C GLN C 136 38.99 -5.36 -8.23
N VAL C 137 38.32 -5.10 -7.12
CA VAL C 137 38.35 -3.78 -6.49
C VAL C 137 39.66 -3.64 -5.71
N THR C 138 40.41 -2.58 -5.98
CA THR C 138 41.68 -2.34 -5.32
C THR C 138 41.69 -0.92 -4.77
N VAL C 139 42.04 -0.79 -3.48
CA VAL C 139 42.21 0.50 -2.84
C VAL C 139 43.60 0.51 -2.19
N SER C 140 44.42 1.50 -2.58
CA SER C 140 45.80 1.70 -2.11
C SER C 140 46.68 0.46 -2.30
N ASP D 21 -15.56 -17.97 2.15
CA ASP D 21 -16.01 -17.36 0.92
C ASP D 21 -15.03 -16.28 0.46
N ILE D 22 -15.09 -15.11 1.09
CA ILE D 22 -14.22 -14.01 0.73
C ILE D 22 -12.85 -14.24 1.33
N GLN D 23 -11.82 -14.29 0.49
CA GLN D 23 -10.46 -14.51 0.93
C GLN D 23 -9.78 -13.19 1.28
N MET D 24 -8.73 -13.29 2.07
CA MET D 24 -7.94 -12.12 2.48
C MET D 24 -6.47 -12.46 2.31
N THR D 25 -5.75 -11.61 1.56
CA THR D 25 -4.37 -11.87 1.19
C THR D 25 -3.49 -10.73 1.71
N GLN D 26 -2.66 -11.03 2.70
CA GLN D 26 -1.72 -10.08 3.25
C GLN D 26 -0.34 -10.35 2.66
N SER D 27 0.20 -9.37 1.93
CA SER D 27 1.39 -9.59 1.12
C SER D 27 2.70 -9.64 1.92
N PRO D 28 3.11 -8.60 2.71
CA PRO D 28 4.49 -8.70 3.24
C PRO D 28 4.57 -9.46 4.56
N SER D 29 4.50 -10.79 4.46
CA SER D 29 4.31 -11.69 5.61
C SER D 29 5.43 -11.61 6.64
N SER D 30 6.62 -11.16 6.25
CA SER D 30 7.68 -10.83 7.19
C SER D 30 8.22 -9.45 6.82
N LEU D 31 8.38 -8.59 7.83
CA LEU D 31 8.82 -7.22 7.59
C LEU D 31 9.93 -6.90 8.59
N SER D 32 11.04 -6.38 8.07
CA SER D 32 12.18 -5.97 8.89
C SER D 32 12.30 -4.46 8.83
N ALA D 33 12.31 -3.81 9.99
CA ALA D 33 12.38 -2.36 10.05
C ALA D 33 13.16 -1.94 11.28
N SER D 34 13.68 -0.73 11.24
CA SER D 34 14.40 -0.13 12.35
C SER D 34 13.58 1.02 12.92
N VAL D 35 14.11 1.62 13.99
CA VAL D 35 13.40 2.69 14.67
C VAL D 35 13.43 3.96 13.82
N GLY D 36 12.25 4.54 13.59
CA GLY D 36 12.11 5.69 12.73
C GLY D 36 11.75 5.38 11.30
N ASP D 37 11.67 4.12 10.92
CA ASP D 37 11.35 3.72 9.56
C ASP D 37 9.87 3.91 9.29
N ARG D 38 9.51 3.87 8.00
CA ARG D 38 8.12 3.96 7.56
C ARG D 38 7.66 2.63 6.97
N VAL D 39 6.68 2.00 7.62
CA VAL D 39 6.18 0.70 7.18
C VAL D 39 4.90 0.69 6.39
N THR D 40 4.68 -0.37 5.62
CA THR D 40 3.54 -0.47 4.72
C THR D 40 3.15 -1.92 4.55
N ILE D 41 1.95 -2.28 5.01
CA ILE D 41 1.42 -3.64 4.90
C ILE D 41 0.21 -3.58 3.99
N THR D 42 0.20 -4.42 2.95
CA THR D 42 -0.85 -4.41 1.94
C THR D 42 -1.75 -5.64 2.12
N CYS D 43 -3.05 -5.41 2.25
CA CYS D 43 -4.05 -6.46 2.32
C CYS D 43 -4.99 -6.27 1.15
N ARG D 44 -5.36 -7.39 0.54
CA ARG D 44 -6.26 -7.42 -0.62
C ARG D 44 -7.42 -8.39 -0.49
N ALA D 45 -8.63 -7.97 -0.84
CA ALA D 45 -9.82 -8.78 -0.65
C ALA D 45 -10.18 -9.49 -1.95
N SER D 46 -10.68 -10.72 -1.82
CA SER D 46 -11.03 -11.51 -3.01
C SER D 46 -12.26 -10.93 -3.72
N GLN D 47 -13.31 -10.65 -2.96
CA GLN D 47 -14.49 -9.99 -3.48
C GLN D 47 -14.39 -8.50 -3.21
N SER D 48 -15.44 -7.78 -3.59
CA SER D 48 -15.53 -6.37 -3.20
C SER D 48 -15.89 -6.31 -1.73
N VAL D 49 -14.90 -6.02 -0.89
CA VAL D 49 -15.12 -5.62 0.49
C VAL D 49 -15.04 -4.10 0.51
N SER D 50 -16.13 -3.47 0.92
CA SER D 50 -16.32 -2.04 0.70
C SER D 50 -16.05 -1.29 1.99
N SER D 51 -14.76 -1.01 2.23
CA SER D 51 -14.22 -0.30 3.39
C SER D 51 -14.49 -1.00 4.72
N ALA D 52 -14.96 -2.24 4.70
CA ALA D 52 -15.19 -3.00 5.92
C ALA D 52 -13.96 -3.87 6.18
N VAL D 53 -12.85 -3.19 6.49
CA VAL D 53 -11.58 -3.82 6.77
C VAL D 53 -10.99 -3.21 8.04
N ALA D 54 -10.61 -4.06 8.98
CA ALA D 54 -10.00 -3.65 10.23
C ALA D 54 -8.55 -4.13 10.30
N TRP D 55 -7.76 -3.44 11.12
CA TRP D 55 -6.36 -3.77 11.34
C TRP D 55 -6.12 -4.02 12.82
N TYR D 56 -5.33 -5.04 13.13
CA TYR D 56 -5.11 -5.45 14.50
C TYR D 56 -3.63 -5.61 14.76
N GLN D 57 -3.22 -5.32 16.00
CA GLN D 57 -1.86 -5.54 16.46
C GLN D 57 -1.87 -6.57 17.57
N GLN D 58 -1.00 -7.56 17.48
CA GLN D 58 -0.91 -8.60 18.50
C GLN D 58 0.53 -8.79 18.94
N LYS D 59 0.81 -8.45 20.20
CA LYS D 59 2.06 -8.85 20.81
C LYS D 59 2.03 -10.35 21.10
N PRO D 60 3.19 -11.02 21.15
CA PRO D 60 3.21 -12.46 21.44
C PRO D 60 2.71 -12.77 22.84
N GLY D 61 1.86 -13.79 22.93
CA GLY D 61 1.26 -14.18 24.19
C GLY D 61 0.18 -13.27 24.69
N LYS D 62 -0.43 -12.47 23.82
CA LYS D 62 -1.43 -11.50 24.23
C LYS D 62 -2.55 -11.45 23.20
N ALA D 63 -3.67 -10.85 23.61
CA ALA D 63 -4.81 -10.69 22.74
C ALA D 63 -4.54 -9.61 21.69
N PRO D 64 -5.17 -9.70 20.51
CA PRO D 64 -5.01 -8.64 19.51
C PRO D 64 -5.68 -7.35 19.96
N LYS D 65 -5.19 -6.24 19.39
CA LYS D 65 -5.70 -4.92 19.70
C LYS D 65 -6.02 -4.21 18.40
N LEU D 66 -7.22 -3.62 18.33
CA LEU D 66 -7.63 -2.91 17.13
C LEU D 66 -6.84 -1.61 16.96
N LEU D 67 -6.31 -1.39 15.76
CA LEU D 67 -5.60 -0.17 15.42
C LEU D 67 -6.41 0.72 14.49
N ILE D 68 -6.83 0.18 13.34
CA ILE D 68 -7.53 0.94 12.31
C ILE D 68 -8.81 0.20 11.99
N TYR D 69 -9.95 0.89 12.09
CA TYR D 69 -11.23 0.35 11.67
C TYR D 69 -11.75 1.16 10.50
N SER D 70 -12.70 0.56 9.75
CA SER D 70 -13.34 1.14 8.56
C SER D 70 -12.34 1.49 7.46
N ALA D 71 -11.20 0.78 7.46
CA ALA D 71 -10.09 0.82 6.51
C ALA D 71 -9.27 2.11 6.57
N SER D 72 -9.74 3.14 7.28
CA SER D 72 -9.00 4.38 7.43
C SER D 72 -9.06 4.99 8.82
N SER D 73 -10.06 4.68 9.63
CA SER D 73 -10.30 5.43 10.86
C SER D 73 -9.40 4.92 11.99
N LEU D 74 -8.78 5.85 12.69
CA LEU D 74 -7.84 5.51 13.76
C LEU D 74 -8.60 5.28 15.05
N TYR D 75 -8.36 4.11 15.66
CA TYR D 75 -9.00 3.77 16.92
C TYR D 75 -8.41 4.60 18.06
N SER D 76 -9.20 4.77 19.12
CA SER D 76 -8.79 5.57 20.26
C SER D 76 -7.70 4.86 21.05
N GLY D 77 -6.70 5.63 21.47
CA GLY D 77 -5.54 5.09 22.16
C GLY D 77 -4.43 4.63 21.24
N VAL D 78 -4.66 4.62 19.94
CA VAL D 78 -3.67 4.24 18.94
C VAL D 78 -2.98 5.52 18.48
N PRO D 79 -1.64 5.57 18.48
CA PRO D 79 -0.95 6.81 18.10
C PRO D 79 -1.08 7.13 16.62
N SER D 80 -0.85 8.40 16.30
CA SER D 80 -1.13 8.95 14.98
C SER D 80 -0.17 8.47 13.89
N ARG D 81 0.90 7.74 14.26
CA ARG D 81 1.77 7.17 13.25
C ARG D 81 1.08 6.08 12.45
N PHE D 82 0.12 5.38 13.06
CA PHE D 82 -0.66 4.37 12.36
C PHE D 82 -1.72 5.05 11.49
N SER D 83 -1.91 4.51 10.29
CA SER D 83 -2.88 5.08 9.36
C SER D 83 -3.34 3.99 8.41
N GLY D 84 -4.48 4.22 7.76
CA GLY D 84 -5.03 3.26 6.84
C GLY D 84 -5.58 3.91 5.60
N SER D 85 -5.70 3.12 4.54
CA SER D 85 -6.20 3.62 3.26
C SER D 85 -6.87 2.48 2.50
N ARG D 86 -7.73 2.85 1.56
CA ARG D 86 -8.42 1.90 0.69
C ARG D 86 -8.33 2.39 -0.75
N SER D 87 -7.94 1.50 -1.65
CA SER D 87 -7.94 1.76 -3.10
C SER D 87 -8.64 0.59 -3.77
N GLY D 88 -9.97 0.66 -3.83
CA GLY D 88 -10.75 -0.46 -4.36
C GLY D 88 -10.84 -1.59 -3.37
N THR D 89 -10.40 -2.78 -3.77
CA THR D 89 -10.30 -3.92 -2.87
C THR D 89 -8.91 -4.06 -2.25
N ASP D 90 -8.03 -3.09 -2.49
CA ASP D 90 -6.69 -3.09 -1.93
C ASP D 90 -6.67 -2.20 -0.69
N PHE D 91 -6.07 -2.70 0.38
CA PHE D 91 -6.08 -2.03 1.67
C PHE D 91 -4.65 -1.95 2.19
N THR D 92 -4.36 -0.92 2.98
CA THR D 92 -2.99 -0.61 3.34
C THR D 92 -2.93 -0.06 4.76
N LEU D 93 -2.08 -0.64 5.60
CA LEU D 93 -1.74 -0.09 6.90
C LEU D 93 -0.34 0.50 6.85
N THR D 94 -0.18 1.72 7.37
CA THR D 94 1.10 2.42 7.34
C THR D 94 1.43 2.92 8.73
N ILE D 95 2.64 2.63 9.19
CA ILE D 95 3.23 3.26 10.36
C ILE D 95 4.24 4.29 9.88
N SER D 96 4.07 5.55 10.28
CA SER D 96 4.91 6.62 9.75
C SER D 96 6.30 6.60 10.37
N SER D 97 6.37 6.79 11.68
CA SER D 97 7.61 6.66 12.43
C SER D 97 7.43 5.40 13.25
N LEU D 98 8.41 4.51 13.23
CA LEU D 98 8.30 3.21 13.85
C LEU D 98 8.99 3.32 15.21
N GLN D 99 8.22 3.17 16.28
CA GLN D 99 8.74 3.20 17.62
C GLN D 99 9.14 1.78 18.04
N PRO D 100 10.02 1.62 19.03
CA PRO D 100 10.37 0.25 19.47
C PRO D 100 9.24 -0.55 20.09
N GLU D 101 8.14 0.07 20.53
CA GLU D 101 7.08 -0.68 21.18
C GLU D 101 6.03 -1.20 20.21
N ASP D 102 6.20 -0.99 18.90
CA ASP D 102 5.30 -1.56 17.90
C ASP D 102 6.00 -2.59 17.03
N PHE D 103 6.85 -3.40 17.65
CA PHE D 103 7.39 -4.60 17.02
C PHE D 103 6.46 -5.76 17.37
N ALA D 104 5.54 -6.08 16.49
CA ALA D 104 4.51 -7.07 16.77
C ALA D 104 4.00 -7.64 15.47
N THR D 105 2.97 -8.49 15.57
CA THR D 105 2.29 -9.05 14.42
C THR D 105 1.07 -8.20 14.09
N TYR D 106 0.76 -8.10 12.80
CA TYR D 106 -0.32 -7.25 12.31
C TYR D 106 -1.25 -8.06 11.42
N TYR D 107 -2.55 -7.97 11.69
CA TYR D 107 -3.56 -8.72 10.97
C TYR D 107 -4.57 -7.78 10.33
N CYS D 108 -4.91 -8.05 9.08
CA CYS D 108 -6.06 -7.42 8.43
C CYS D 108 -7.25 -8.38 8.49
N GLN D 109 -8.45 -7.81 8.43
CA GLN D 109 -9.67 -8.59 8.58
C GLN D 109 -10.79 -7.89 7.84
N GLN D 110 -11.40 -8.56 6.87
CA GLN D 110 -12.64 -8.06 6.30
C GLN D 110 -13.80 -8.45 7.22
N TYR D 111 -14.75 -7.54 7.35
CA TYR D 111 -15.91 -7.76 8.22
C TYR D 111 -17.19 -7.33 7.51
N LEU D 112 -17.37 -7.79 6.28
CA LEU D 112 -18.56 -7.45 5.49
C LEU D 112 -19.85 -7.96 6.13
N TYR D 113 -19.79 -9.08 6.84
CA TYR D 113 -20.93 -9.61 7.56
C TYR D 113 -20.43 -10.37 8.77
N TYR D 114 -21.34 -10.59 9.73
CA TYR D 114 -21.04 -11.28 10.98
C TYR D 114 -20.53 -12.69 10.73
N SER D 115 -21.18 -13.43 9.84
CA SER D 115 -20.83 -14.80 9.52
C SER D 115 -19.80 -14.90 8.40
N LEU D 116 -19.29 -13.76 7.92
CA LEU D 116 -18.42 -13.71 6.77
C LEU D 116 -17.01 -13.23 7.12
N VAL D 117 -16.62 -13.33 8.39
CA VAL D 117 -15.36 -12.78 8.86
C VAL D 117 -14.22 -13.70 8.43
N THR D 118 -13.26 -13.14 7.71
CA THR D 118 -12.01 -13.83 7.40
C THR D 118 -10.86 -12.88 7.69
N PHE D 119 -9.82 -13.41 8.33
CA PHE D 119 -8.65 -12.64 8.70
C PHE D 119 -7.56 -12.77 7.65
N GLY D 120 -6.62 -11.84 7.69
CA GLY D 120 -5.39 -11.99 6.95
C GLY D 120 -4.45 -12.97 7.63
N GLN D 121 -3.42 -13.36 6.90
CA GLN D 121 -2.50 -14.37 7.39
C GLN D 121 -1.56 -13.83 8.47
N GLY D 122 -1.37 -12.51 8.52
CA GLY D 122 -0.54 -11.92 9.54
C GLY D 122 0.85 -11.55 9.06
N THR D 123 1.30 -10.34 9.42
CA THR D 123 2.65 -9.88 9.12
C THR D 123 3.33 -9.52 10.43
N LYS D 124 4.45 -10.16 10.72
CA LYS D 124 5.24 -9.85 11.91
C LYS D 124 6.34 -8.87 11.55
N VAL D 125 6.42 -7.78 12.33
CA VAL D 125 7.41 -6.73 12.12
C VAL D 125 8.53 -6.94 13.12
N GLU D 126 9.75 -7.09 12.62
CA GLU D 126 10.92 -7.39 13.45
C GLU D 126 11.93 -6.24 13.37
N ILE D 127 12.88 -6.26 14.29
CA ILE D 127 13.94 -5.26 14.35
C ILE D 127 14.94 -5.54 13.24
N LYS D 128 15.26 -4.50 12.46
CA LYS D 128 16.29 -4.63 11.44
C LYS D 128 17.66 -4.69 12.09
N ARG D 129 18.53 -5.51 11.53
CA ARG D 129 19.82 -5.79 12.13
C ARG D 129 20.83 -6.07 11.02
N THR D 130 22.10 -5.91 11.35
CA THR D 130 23.15 -6.35 10.44
C THR D 130 23.18 -7.87 10.38
N VAL D 131 23.66 -8.39 9.25
CA VAL D 131 23.62 -9.81 9.00
C VAL D 131 24.72 -10.51 9.81
N ALA D 132 24.32 -11.49 10.61
CA ALA D 132 25.23 -12.31 11.39
C ALA D 132 25.10 -13.76 10.97
N ALA D 133 26.22 -14.40 10.71
CA ALA D 133 26.23 -15.81 10.35
C ALA D 133 25.99 -16.69 11.57
N PRO D 134 25.28 -17.80 11.42
CA PRO D 134 25.05 -18.69 12.57
C PRO D 134 26.31 -19.43 12.98
N SER D 135 26.42 -19.64 14.29
CA SER D 135 27.44 -20.52 14.85
C SER D 135 26.85 -21.91 15.01
N VAL D 136 27.46 -22.89 14.36
CA VAL D 136 26.89 -24.24 14.28
C VAL D 136 27.55 -25.12 15.33
N PHE D 137 26.73 -25.70 16.20
CA PHE D 137 27.16 -26.67 17.18
C PHE D 137 26.30 -27.92 17.06
N ILE D 138 26.94 -29.09 16.96
CA ILE D 138 26.23 -30.36 16.93
C ILE D 138 26.53 -31.10 18.23
N PHE D 139 25.49 -31.69 18.81
CA PHE D 139 25.60 -32.40 20.07
C PHE D 139 25.25 -33.87 19.86
N PRO D 140 26.17 -34.79 20.16
CA PRO D 140 25.84 -36.22 20.10
C PRO D 140 24.88 -36.59 21.21
N PRO D 141 24.06 -37.62 21.01
CA PRO D 141 23.20 -38.10 22.10
C PRO D 141 24.01 -38.72 23.23
N SER D 142 23.54 -38.50 24.45
CA SER D 142 24.26 -38.94 25.63
C SER D 142 24.05 -40.44 25.84
N ASP D 143 24.71 -40.99 26.87
CA ASP D 143 24.57 -42.40 27.16
C ASP D 143 23.21 -42.71 27.80
N SER D 144 22.61 -41.73 28.45
CA SER D 144 21.33 -41.94 29.12
C SER D 144 20.19 -42.08 28.11
N GLN D 145 20.34 -41.45 26.94
CA GLN D 145 19.35 -41.65 25.88
C GLN D 145 19.44 -43.05 25.30
N LEU D 146 20.66 -43.51 25.01
CA LEU D 146 20.84 -44.82 24.38
C LEU D 146 20.60 -45.97 25.34
N LYS D 147 20.50 -45.70 26.64
CA LYS D 147 20.04 -46.67 27.62
C LYS D 147 18.51 -46.66 27.77
N SER D 148 17.81 -45.91 26.91
CA SER D 148 16.36 -45.84 26.98
C SER D 148 15.69 -46.13 25.64
N GLY D 149 16.45 -46.36 24.58
CA GLY D 149 15.91 -46.76 23.29
C GLY D 149 15.77 -45.65 22.28
N THR D 150 15.94 -44.39 22.68
CA THR D 150 15.80 -43.26 21.78
C THR D 150 17.13 -42.53 21.64
N ALA D 151 17.40 -42.02 20.45
CA ALA D 151 18.64 -41.31 20.16
C ALA D 151 18.32 -39.99 19.46
N SER D 152 18.45 -38.88 20.20
CA SER D 152 18.18 -37.56 19.67
C SER D 152 19.49 -36.81 19.46
N VAL D 153 19.71 -36.33 18.23
CA VAL D 153 20.87 -35.54 17.87
C VAL D 153 20.40 -34.15 17.46
N VAL D 154 21.05 -33.12 18.01
CA VAL D 154 20.61 -31.74 17.87
C VAL D 154 21.70 -30.94 17.16
N CYS D 155 21.31 -30.21 16.12
CA CYS D 155 22.17 -29.22 15.49
C CYS D 155 21.74 -27.84 15.99
N LEU D 156 22.67 -27.10 16.59
CA LEU D 156 22.37 -25.80 17.17
C LEU D 156 22.93 -24.69 16.28
N LEU D 157 22.07 -23.76 15.91
CA LEU D 157 22.44 -22.55 15.18
C LEU D 157 22.34 -21.39 16.15
N ASN D 158 23.44 -20.67 16.35
CA ASN D 158 23.52 -19.66 17.39
C ASN D 158 23.73 -18.28 16.80
N ASN D 159 22.86 -17.34 17.18
CA ASN D 159 23.05 -15.88 17.02
C ASN D 159 23.17 -15.46 15.55
N PHE D 160 22.10 -15.71 14.80
CA PHE D 160 22.08 -15.36 13.38
C PHE D 160 20.94 -14.39 13.08
N TYR D 161 21.11 -13.66 11.97
CA TYR D 161 20.13 -12.75 11.44
C TYR D 161 20.23 -12.77 9.92
N PRO D 162 19.10 -12.79 9.20
CA PRO D 162 17.71 -12.88 9.66
C PRO D 162 17.26 -14.30 10.00
N ARG D 163 15.95 -14.54 10.05
CA ARG D 163 15.42 -15.81 10.55
C ARG D 163 15.65 -16.95 9.57
N GLU D 164 15.60 -16.67 8.27
CA GLU D 164 15.55 -17.69 7.23
C GLU D 164 16.87 -18.44 7.13
N ALA D 165 16.88 -19.66 7.65
CA ALA D 165 18.01 -20.57 7.53
C ALA D 165 17.46 -21.97 7.32
N LYS D 166 18.23 -22.81 6.63
CA LYS D 166 17.82 -24.15 6.26
C LYS D 166 18.79 -25.17 6.83
N VAL D 167 18.25 -26.15 7.56
CA VAL D 167 19.04 -27.22 8.15
C VAL D 167 18.72 -28.51 7.42
N GLN D 168 19.73 -29.12 6.82
CA GLN D 168 19.59 -30.39 6.11
C GLN D 168 20.27 -31.45 6.96
N TRP D 169 19.50 -32.46 7.38
CA TRP D 169 20.01 -33.48 8.29
C TRP D 169 20.54 -34.66 7.49
N LYS D 170 21.74 -34.50 6.95
CA LYS D 170 22.37 -35.53 6.14
C LYS D 170 22.93 -36.62 7.06
N VAL D 171 22.25 -37.76 7.11
CA VAL D 171 22.68 -38.90 7.90
C VAL D 171 23.30 -39.92 6.95
N ASP D 172 24.57 -40.28 7.23
CA ASP D 172 25.38 -41.20 6.41
C ASP D 172 25.47 -40.73 4.96
N ASN D 173 25.66 -39.41 4.80
CA ASN D 173 25.73 -38.72 3.50
C ASN D 173 24.50 -38.98 2.64
N ALA D 174 23.32 -38.97 3.28
CA ALA D 174 22.05 -39.17 2.59
C ALA D 174 21.06 -38.10 3.05
N LEU D 175 20.37 -37.49 2.09
CA LEU D 175 19.36 -36.49 2.41
C LEU D 175 18.18 -37.14 3.12
N GLN D 176 17.67 -36.48 4.15
CA GLN D 176 16.63 -37.03 5.00
C GLN D 176 15.47 -36.06 5.09
N SER D 177 14.26 -36.61 5.16
CA SER D 177 13.04 -35.83 5.36
C SER D 177 12.06 -36.63 6.21
N GLY D 178 11.37 -35.95 7.10
CA GLY D 178 10.28 -36.58 7.84
C GLY D 178 10.47 -36.68 9.34
N ASN D 179 11.68 -37.02 9.79
CA ASN D 179 11.94 -37.17 11.22
C ASN D 179 12.64 -35.97 11.84
N SER D 180 13.19 -35.08 11.03
CA SER D 180 13.79 -33.86 11.56
C SER D 180 12.71 -32.89 12.02
N GLN D 181 13.02 -32.14 13.07
CA GLN D 181 12.04 -31.26 13.69
C GLN D 181 12.78 -30.10 14.36
N GLU D 182 12.47 -28.88 13.93
CA GLU D 182 13.24 -27.71 14.32
C GLU D 182 12.43 -26.82 15.26
N SER D 183 13.15 -25.94 15.96
CA SER D 183 12.54 -24.95 16.84
C SER D 183 13.38 -23.68 16.78
N VAL D 184 12.70 -22.54 16.59
CA VAL D 184 13.35 -21.25 16.45
C VAL D 184 12.89 -20.37 17.60
N THR D 185 13.83 -19.79 18.33
CA THR D 185 13.45 -18.86 19.38
C THR D 185 13.18 -17.48 18.80
N GLU D 186 12.71 -16.57 19.66
CA GLU D 186 12.36 -15.24 19.21
C GLU D 186 13.61 -14.38 19.05
N GLN D 187 13.40 -13.11 18.73
CA GLN D 187 14.52 -12.18 18.62
C GLN D 187 15.07 -11.93 20.01
N ASP D 188 16.40 -11.88 20.11
CA ASP D 188 17.04 -11.69 21.39
C ASP D 188 16.87 -10.24 21.84
N SER D 189 16.84 -10.04 23.16
CA SER D 189 16.62 -8.70 23.70
C SER D 189 17.82 -7.78 23.56
N LYS D 190 19.03 -8.33 23.48
CA LYS D 190 20.25 -7.54 23.41
C LYS D 190 20.70 -7.29 21.97
N ASP D 191 21.00 -8.35 21.23
CA ASP D 191 21.60 -8.22 19.91
C ASP D 191 20.64 -8.49 18.76
N SER D 192 19.35 -8.73 19.05
CA SER D 192 18.28 -8.92 18.06
C SER D 192 18.55 -10.09 17.10
N THR D 193 19.12 -11.15 17.63
CA THR D 193 19.48 -12.32 16.84
C THR D 193 18.57 -13.49 17.17
N TYR D 194 18.40 -14.38 16.20
CA TYR D 194 17.65 -15.61 16.37
C TYR D 194 18.60 -16.76 16.64
N SER D 195 18.09 -17.79 17.30
CA SER D 195 18.80 -19.05 17.46
C SER D 195 17.90 -20.19 17.04
N LEU D 196 18.51 -21.28 16.59
CA LEU D 196 17.77 -22.42 16.07
C LEU D 196 18.33 -23.70 16.68
N SER D 197 17.45 -24.69 16.85
CA SER D 197 17.84 -26.05 17.16
C SER D 197 16.96 -26.99 16.36
N SER D 198 17.57 -27.97 15.69
CA SER D 198 16.86 -28.89 14.81
C SER D 198 17.17 -30.32 15.24
N THR D 199 16.40 -30.84 16.19
CA THR D 199 16.66 -32.18 16.71
C THR D 199 16.15 -33.24 15.73
N LEU D 200 16.88 -34.35 15.68
CA LEU D 200 16.55 -35.48 14.82
C LEU D 200 16.31 -36.69 15.71
N THR D 201 15.18 -37.35 15.53
CA THR D 201 14.76 -38.46 16.38
C THR D 201 14.88 -39.77 15.61
N LEU D 202 15.55 -40.75 16.22
CA LEU D 202 15.72 -42.07 15.63
C LEU D 202 15.69 -43.12 16.73
N SER D 203 15.38 -44.35 16.32
CA SER D 203 15.41 -45.48 17.24
C SER D 203 16.85 -45.91 17.49
N LYS D 204 17.03 -46.76 18.51
CA LYS D 204 18.37 -47.17 18.93
C LYS D 204 19.04 -48.07 17.89
N ALA D 205 18.28 -49.01 17.31
CA ALA D 205 18.83 -49.84 16.24
C ALA D 205 19.09 -49.03 14.99
N ASP D 206 18.19 -48.09 14.68
CA ASP D 206 18.43 -47.16 13.57
C ASP D 206 19.58 -46.22 13.87
N TYR D 207 19.84 -45.93 15.14
CA TYR D 207 21.02 -45.15 15.49
C TYR D 207 22.30 -45.94 15.29
N GLU D 208 22.29 -47.23 15.66
CA GLU D 208 23.49 -48.05 15.50
C GLU D 208 23.69 -48.54 14.08
N LYS D 209 22.69 -48.35 13.19
CA LYS D 209 22.88 -48.71 11.78
C LYS D 209 23.93 -47.83 11.11
N HIS D 210 23.92 -46.53 11.39
CA HIS D 210 24.86 -45.58 10.81
C HIS D 210 25.83 -45.07 11.87
N LYS D 211 26.86 -44.37 11.40
CA LYS D 211 27.87 -43.84 12.31
C LYS D 211 28.24 -42.39 12.01
N VAL D 212 28.02 -41.89 10.79
CA VAL D 212 28.37 -40.51 10.43
C VAL D 212 27.10 -39.66 10.34
N TYR D 213 26.97 -38.69 11.25
CA TYR D 213 25.78 -37.86 11.35
C TYR D 213 26.16 -36.40 11.17
N ALA D 214 25.56 -35.76 10.19
CA ALA D 214 25.92 -34.39 9.81
C ALA D 214 24.67 -33.55 9.67
N CYS D 215 24.81 -32.24 9.94
CA CYS D 215 23.78 -31.27 9.66
C CYS D 215 24.39 -30.17 8.80
N GLU D 216 23.78 -29.90 7.65
CA GLU D 216 24.24 -28.87 6.74
C GLU D 216 23.38 -27.63 6.94
N VAL D 217 24.02 -26.48 7.08
CA VAL D 217 23.35 -25.23 7.46
C VAL D 217 23.62 -24.20 6.38
N THR D 218 22.55 -23.72 5.75
CA THR D 218 22.64 -22.64 4.78
C THR D 218 21.96 -21.40 5.33
N HIS D 219 22.56 -20.24 5.06
CA HIS D 219 22.06 -18.95 5.52
C HIS D 219 22.40 -17.93 4.45
N GLN D 220 21.67 -16.82 4.45
CA GLN D 220 21.98 -15.75 3.50
C GLN D 220 23.29 -15.05 3.82
N GLY D 221 23.74 -15.11 5.07
CA GLY D 221 25.03 -14.59 5.46
C GLY D 221 26.17 -15.57 5.30
N LEU D 222 25.95 -16.73 4.70
CA LEU D 222 26.98 -17.72 4.46
C LEU D 222 27.12 -17.95 2.98
N SER D 223 28.34 -17.83 2.48
CA SER D 223 28.61 -18.12 1.07
C SER D 223 28.53 -19.61 0.78
N SER D 224 28.96 -20.43 1.73
CA SER D 224 28.97 -21.88 1.60
C SER D 224 28.29 -22.48 2.83
N PRO D 225 27.66 -23.64 2.69
CA PRO D 225 27.07 -24.31 3.86
C PRO D 225 28.12 -24.79 4.84
N VAL D 226 27.76 -24.74 6.13
CA VAL D 226 28.63 -25.21 7.21
C VAL D 226 28.11 -26.55 7.68
N THR D 227 28.98 -27.56 7.65
CA THR D 227 28.63 -28.93 8.01
C THR D 227 29.40 -29.30 9.28
N LYS D 228 28.67 -29.51 10.37
CA LYS D 228 29.24 -29.98 11.63
C LYS D 228 28.74 -31.40 11.85
N SER D 229 29.67 -32.33 12.08
CA SER D 229 29.36 -33.74 12.14
C SER D 229 30.19 -34.39 13.23
N PHE D 230 29.87 -35.65 13.52
CA PHE D 230 30.66 -36.48 14.41
C PHE D 230 30.52 -37.94 13.97
N ASN D 231 31.43 -38.77 14.48
CA ASN D 231 31.44 -40.19 14.17
C ASN D 231 31.17 -41.00 15.43
N ARG D 232 30.33 -42.02 15.31
CA ARG D 232 29.98 -42.88 16.43
C ARG D 232 30.81 -44.16 16.42
C1 CLR E . -12.39 43.57 -14.73
C2 CLR E . -13.41 43.19 -13.65
C3 CLR E . -12.73 42.57 -12.45
C4 CLR E . -11.69 43.52 -11.90
C5 CLR E . -10.68 43.92 -12.96
C6 CLR E . -9.38 43.73 -12.77
C7 CLR E . -8.31 44.28 -13.65
C8 CLR E . -8.84 45.17 -14.77
C9 CLR E . -10.16 44.59 -15.32
C10 CLR E . -11.26 44.51 -14.23
C11 CLR E . -10.62 45.32 -16.58
C12 CLR E . -9.54 45.41 -17.66
C13 CLR E . -8.28 46.09 -17.12
C14 CLR E . -7.82 45.27 -15.90
C15 CLR E . -6.42 45.80 -15.59
C16 CLR E . -5.84 46.13 -16.98
C17 CLR E . -6.99 45.98 -18.01
C18 CLR E . -8.55 47.56 -16.77
C19 CLR E . -11.85 45.90 -13.90
C20 CLR E . -6.80 46.90 -19.22
C21 CLR E . -7.86 46.68 -20.32
C22 CLR E . -5.40 46.71 -19.81
C23 CLR E . -5.04 47.66 -20.94
C24 CLR E . -3.73 47.31 -21.60
C25 CLR E . -3.30 48.22 -22.74
C26 CLR E . -2.07 47.69 -23.46
C27 CLR E . -4.44 48.46 -23.72
O1 CLR E . -13.70 42.26 -11.44
C1 EBX F . -19.26 26.53 -14.02
C2 EBX F . -19.71 27.67 -14.69
C3 EBX F . -19.53 27.76 -16.08
C4 EBX F . -18.92 26.73 -16.76
C5 EBX F . -18.49 25.65 -16.02
C6 EBX F . -19.47 26.13 -12.57
C7 EBX F . -20.42 26.09 -10.43
C8 EBX F . -21.80 27.17 -12.08
C11 EBX F . -21.52 29.52 -19.69
C10 EBX F . -21.01 30.30 -18.55
C12 EBX F . -21.07 28.28 -18.99
C13 EBX F . -21.44 32.67 -19.10
C14 EBX F . -22.34 33.55 -18.33
C15 EBX F . -20.29 33.45 -19.71
C16 EBX F . -19.50 32.65 -20.70
C17 EBX F . -23.25 35.50 -17.92
C18 EBX F . -23.71 34.66 -16.97
C19 EBX F . -23.11 33.40 -17.25
C20 EBX F . -24.66 35.00 -15.83
C21 EBX F . -24.85 33.81 -14.90
C22 EBX F . -24.20 36.22 -15.05
C9 EBX F . -20.58 29.11 -17.90
N1 EBX F . -18.65 25.53 -14.69
N2 EBX F . -20.50 26.56 -11.81
N3 EBX F . -19.96 28.96 -16.71
N4 EBX F . -20.95 31.59 -18.25
O1 EBX F . -20.17 28.84 -14.18
O2 EBX F . -18.63 25.38 -12.14
O3 EBX F . -21.10 27.07 -19.25
O4 EBX F . -22.08 29.78 -20.75
O5 EBX F . -22.41 34.84 -18.77
C1 A1A2A G . 8.80 33.70 -27.37
C11 A1A2A G . 4.71 37.26 -27.55
C12 A1A2A G . 3.36 36.67 -27.91
C14 A1A2A G . 3.15 38.04 -29.82
C15 A1A2A G . 4.62 38.31 -29.76
C17 A1A2A G . 2.66 36.09 -26.70
C19 A1A2A G . 3.81 35.08 -24.80
C2 A1A2A G . 8.95 34.44 -26.21
C21 A1A2A G . 4.70 33.91 -24.32
C22 A1A2A G . 4.73 33.70 -22.82
C23 A1A2A G . 5.92 34.32 -23.50
C24 A1A2A G . 4.77 32.69 -25.22
C25 A1A2A G . 5.60 32.67 -26.34
C26 A1A2A G . 5.70 31.53 -27.14
C27 A1A2A G . 4.97 30.42 -26.79
C28 A1A2A G . 4.15 30.40 -25.69
C29 A1A2A G . 4.05 31.54 -24.91
C3 A1A2A G . 8.59 35.79 -26.20
C4 A1A2A G . 8.07 36.37 -27.34
C5 A1A2A G . 7.90 35.62 -28.50
C6 A1A2A G . 8.28 34.27 -28.50
C7 A1A2A G . 7.32 36.45 -29.61
C8 A1A2A G . 6.81 37.71 -28.88
C9 A1A2A G . 7.59 37.78 -27.56
N10 A1A2A G . 5.35 37.78 -28.76
N18 A1A2A G . 3.47 35.04 -26.09
O13 A1A2A G . 2.56 37.65 -28.57
O16 A1A2A G . 5.14 39.00 -30.63
O20 A1A2A G . 3.46 35.95 -24.04
CL30 A1A2A G . 5.10 28.98 -27.79
#